data_4MYD
#
_entry.id   4MYD
#
_cell.length_a   121.850
_cell.length_b   121.850
_cell.length_c   46.850
_cell.angle_alpha   90.00
_cell.angle_beta   90.00
_cell.angle_gamma   120.00
#
_symmetry.space_group_name_H-M   'P 31'
#
loop_
_entity.id
_entity.type
_entity.pdbx_description
1 polymer '2-succinyl-6-hydroxy-2,4-cyclohexadiene-1-carboxylate synthase'
2 non-polymer '2-(3-CARBOXYPROPIONYL)-6-HYDROXY-CYCLOHEXA-2,4-DIENE CARBOXYLIC ACID'
3 water water
#
_entity_poly.entity_id   1
_entity_poly.type   'polypeptide(L)'
_entity_poly.pdbx_seq_one_letter_code
;MILHAQAKHGKPGLPWLVFLHGFSGDCHEWQEVGEAFADYSRLYVDLPGHGGSAAISVDGFDDVTDLLRKTLVSYNILDF
WLVGYSLGGRVAMMAACQGLAGLCGVIVEGGHPGLQNAEQRAERQRSDRQWVQRFLTEPLTAVFADWYQQPVFASLNDDQ
RRELVALRSNNNGATLAAMLEATSLAVQPDLRANLSARTFAFYYLCGERDSKFRALAAELAADCHVIPRAGHNAHRENPA
GVIASLAQILRF
;
_entity_poly.pdbx_strand_id   A,B,C
#
# COMPACT_ATOMS: atom_id res chain seq x y z
N MET A 1 9.81 -35.42 28.66
CA MET A 1 8.49 -35.08 28.04
C MET A 1 8.16 -33.60 28.12
N ILE A 2 7.79 -33.08 26.97
CA ILE A 2 7.36 -31.71 26.83
C ILE A 2 5.98 -31.67 26.18
N LEU A 3 5.35 -30.52 26.24
CA LEU A 3 4.06 -30.34 25.59
C LEU A 3 4.23 -30.21 24.07
N HIS A 4 3.29 -30.75 23.30
CA HIS A 4 3.25 -30.44 21.88
C HIS A 4 2.96 -28.95 21.71
N ALA A 5 3.65 -28.34 20.75
CA ALA A 5 3.48 -26.92 20.45
C ALA A 5 3.87 -26.64 19.01
N GLN A 6 3.40 -25.51 18.50
CA GLN A 6 3.87 -24.98 17.22
C GLN A 6 4.60 -23.68 17.48
N ALA A 7 5.85 -23.63 17.02
CA ALA A 7 6.67 -22.42 17.18
C ALA A 7 6.78 -21.65 15.88
N LYS A 8 6.72 -20.33 16.00
CA LYS A 8 6.97 -19.42 14.88
C LYS A 8 8.04 -18.45 15.32
N HIS A 9 9.11 -18.34 14.56
CA HIS A 9 10.22 -17.45 14.93
C HIS A 9 10.04 -16.07 14.34
N GLY A 10 10.18 -15.06 15.20
CA GLY A 10 10.11 -13.68 14.79
C GLY A 10 11.52 -13.09 14.80
N LYS A 11 11.61 -11.80 15.12
CA LYS A 11 12.90 -11.12 15.09
C LYS A 11 13.75 -11.61 16.24
N PRO A 12 15.00 -11.95 15.98
CA PRO A 12 15.84 -12.37 17.09
C PRO A 12 15.93 -11.31 18.17
N GLY A 13 15.76 -11.71 19.41
CA GLY A 13 15.90 -10.81 20.53
C GLY A 13 14.60 -10.28 21.09
N LEU A 14 13.53 -10.31 20.29
CA LEU A 14 12.24 -9.88 20.79
C LEU A 14 11.66 -10.99 21.64
N PRO A 15 10.78 -10.63 22.57
CA PRO A 15 10.22 -11.68 23.42
C PRO A 15 9.40 -12.73 22.67
N TRP A 16 9.26 -13.88 23.29
CA TRP A 16 8.25 -14.83 22.83
C TRP A 16 6.89 -14.48 23.44
N LEU A 17 5.86 -14.72 22.67
CA LEU A 17 4.47 -14.74 23.13
C LEU A 17 4.04 -16.19 23.21
N VAL A 18 3.79 -16.69 24.41
CA VAL A 18 3.46 -18.10 24.64
C VAL A 18 1.95 -18.14 24.93
N PHE A 19 1.19 -18.73 24.01
CA PHE A 19 -0.27 -18.70 24.02
C PHE A 19 -0.83 -20.01 24.54
N LEU A 20 -1.77 -19.92 25.49
CA LEU A 20 -2.43 -21.06 26.08
C LEU A 20 -3.93 -20.98 25.81
N HIS A 21 -4.45 -21.98 25.10
CA HIS A 21 -5.87 -22.11 24.79
C HIS A 21 -6.70 -22.47 26.03
N GLY A 22 -8.02 -22.56 25.86
CA GLY A 22 -8.90 -22.93 26.92
C GLY A 22 -9.36 -24.36 26.85
N PHE A 23 -10.28 -24.73 27.71
CA PHE A 23 -10.72 -26.12 27.78
C PHE A 23 -11.42 -26.49 26.47
N SER A 24 -11.00 -27.65 25.96
CA SER A 24 -11.38 -28.25 24.68
C SER A 24 -10.73 -27.59 23.47
N GLY A 25 -9.91 -26.57 23.68
CA GLY A 25 -9.21 -25.94 22.60
C GLY A 25 -7.95 -26.70 22.22
N ASP A 26 -7.18 -26.11 21.31
CA ASP A 26 -5.86 -26.62 20.97
C ASP A 26 -4.99 -25.45 20.50
N CYS A 27 -3.81 -25.76 19.99
CA CYS A 27 -2.83 -24.72 19.68
C CYS A 27 -3.24 -23.78 18.54
N HIS A 28 -4.32 -24.09 17.85
CA HIS A 28 -4.82 -23.16 16.84
C HIS A 28 -5.62 -21.99 17.41
N GLU A 29 -6.05 -22.11 18.66
CA GLU A 29 -6.97 -21.15 19.27
C GLU A 29 -6.51 -19.71 19.10
N TRP A 30 -5.25 -19.44 19.42
CA TRP A 30 -4.74 -18.06 19.43
C TRP A 30 -4.06 -17.65 18.13
N GLN A 31 -4.04 -18.51 17.10
CA GLN A 31 -3.20 -18.21 15.94
C GLN A 31 -3.70 -17.05 15.08
N GLU A 32 -5.01 -16.85 15.01
CA GLU A 32 -5.51 -15.73 14.23
C GLU A 32 -4.99 -14.40 14.84
N VAL A 33 -5.00 -14.31 16.16
CA VAL A 33 -4.53 -13.14 16.85
C VAL A 33 -3.00 -13.09 16.88
N GLY A 34 -2.39 -14.20 17.27
CA GLY A 34 -0.96 -14.20 17.48
C GLY A 34 -0.11 -13.93 16.26
N GLU A 35 -0.60 -14.37 15.11
CA GLU A 35 0.17 -14.20 13.90
C GLU A 35 0.20 -12.75 13.45
N ALA A 36 -0.67 -11.91 14.01
CA ALA A 36 -0.57 -10.46 13.82
C ALA A 36 0.72 -9.87 14.44
N PHE A 37 1.31 -10.59 15.40
CA PHE A 37 2.54 -10.13 16.07
C PHE A 37 3.76 -10.79 15.45
N ALA A 38 3.88 -10.61 14.14
CA ALA A 38 4.84 -11.34 13.33
C ALA A 38 6.30 -11.04 13.69
N ASP A 39 6.55 -9.92 14.37
N ASP A 39 6.56 -9.89 14.31
CA ASP A 39 7.91 -9.55 14.79
CA ASP A 39 7.90 -9.52 14.77
C ASP A 39 8.32 -10.23 16.09
C ASP A 39 8.32 -10.27 16.06
N TYR A 40 7.34 -10.68 16.88
CA TYR A 40 7.64 -11.47 18.07
C TYR A 40 7.81 -12.92 17.65
N SER A 41 8.39 -13.76 18.50
CA SER A 41 8.28 -15.20 18.30
C SER A 41 7.00 -15.66 19.00
N ARG A 42 6.36 -16.70 18.48
CA ARG A 42 5.08 -17.19 19.01
C ARG A 42 5.21 -18.67 19.32
N LEU A 43 4.76 -19.09 20.48
CA LEU A 43 4.68 -20.53 20.79
C LEU A 43 3.22 -20.82 21.09
N TYR A 44 2.60 -21.66 20.26
CA TYR A 44 1.22 -22.07 20.42
C TYR A 44 1.21 -23.45 21.07
N VAL A 45 0.84 -23.51 22.34
CA VAL A 45 0.98 -24.72 23.14
C VAL A 45 -0.29 -25.54 23.16
N ASP A 46 -0.18 -26.87 23.11
CA ASP A 46 -1.30 -27.77 23.43
C ASP A 46 -1.19 -28.18 24.90
N LEU A 47 -2.19 -27.82 25.69
CA LEU A 47 -2.22 -28.20 27.09
C LEU A 47 -2.39 -29.70 27.23
N PRO A 48 -2.00 -30.27 28.38
CA PRO A 48 -2.29 -31.70 28.62
C PRO A 48 -3.73 -32.08 28.28
N GLY A 49 -3.91 -33.22 27.64
CA GLY A 49 -5.24 -33.72 27.31
C GLY A 49 -5.83 -33.14 26.04
N HIS A 50 -5.12 -32.17 25.44
CA HIS A 50 -5.61 -31.38 24.33
C HIS A 50 -4.68 -31.46 23.14
N GLY A 51 -5.22 -31.40 21.93
CA GLY A 51 -4.43 -31.38 20.71
C GLY A 51 -3.43 -32.53 20.70
N GLY A 52 -2.20 -32.22 20.29
CA GLY A 52 -1.12 -33.18 20.25
C GLY A 52 -0.58 -33.56 21.60
N SER A 53 -1.03 -32.91 22.67
CA SER A 53 -0.65 -33.25 24.04
C SER A 53 -1.70 -34.14 24.70
N ALA A 54 -2.58 -34.74 23.91
CA ALA A 54 -3.65 -35.55 24.47
C ALA A 54 -3.15 -36.60 25.45
N ALA A 55 -2.05 -37.27 25.12
CA ALA A 55 -1.59 -38.42 25.88
C ALA A 55 -0.78 -38.02 27.12
N ILE A 56 -0.56 -36.73 27.31
CA ILE A 56 0.16 -36.24 28.46
C ILE A 56 -0.81 -36.05 29.59
N SER A 57 -0.71 -36.87 30.61
CA SER A 57 -1.63 -36.71 31.72
C SER A 57 -0.95 -36.01 32.88
N VAL A 58 -1.77 -35.31 33.65
CA VAL A 58 -1.32 -34.55 34.79
C VAL A 58 -2.22 -34.82 35.97
N ASP A 59 -1.67 -34.67 37.18
CA ASP A 59 -2.45 -34.84 38.40
C ASP A 59 -3.02 -33.52 38.92
N GLY A 60 -2.50 -32.41 38.41
CA GLY A 60 -2.87 -31.09 38.89
C GLY A 60 -1.99 -30.01 38.29
N PHE A 61 -2.09 -28.81 38.84
CA PHE A 61 -1.39 -27.66 38.29
C PHE A 61 0.11 -27.76 38.44
N ASP A 62 0.62 -28.36 39.51
CA ASP A 62 2.07 -28.50 39.64
C ASP A 62 2.66 -29.20 38.40
N ASP A 63 2.02 -30.28 37.99
CA ASP A 63 2.49 -31.02 36.84
C ASP A 63 2.41 -30.17 35.57
N VAL A 64 1.36 -29.39 35.41
CA VAL A 64 1.22 -28.55 34.21
C VAL A 64 2.31 -27.49 34.19
N THR A 65 2.55 -26.85 35.32
CA THR A 65 3.62 -25.85 35.39
C THR A 65 4.97 -26.45 35.06
N ASP A 66 5.23 -27.63 35.58
CA ASP A 66 6.49 -28.32 35.29
C ASP A 66 6.63 -28.61 33.80
N LEU A 67 5.56 -29.09 33.19
CA LEU A 67 5.58 -29.35 31.76
C LEU A 67 5.78 -28.08 30.96
N LEU A 68 5.13 -27.01 31.37
CA LEU A 68 5.33 -25.74 30.71
C LEU A 68 6.80 -25.27 30.83
N ARG A 69 7.38 -25.38 32.02
CA ARG A 69 8.77 -25.00 32.20
C ARG A 69 9.67 -25.79 31.25
N LYS A 70 9.49 -27.11 31.21
CA LYS A 70 10.33 -27.96 30.35
C LYS A 70 10.14 -27.62 28.87
N THR A 71 8.92 -27.29 28.48
CA THR A 71 8.64 -26.95 27.10
C THR A 71 9.36 -25.66 26.73
N LEU A 72 9.30 -24.65 27.59
CA LEU A 72 9.98 -23.40 27.33
C LEU A 72 11.48 -23.60 27.16
N VAL A 73 12.08 -24.43 28.02
CA VAL A 73 13.50 -24.70 27.94
C VAL A 73 13.83 -25.39 26.62
N SER A 74 13.01 -26.36 26.25
CA SER A 74 13.24 -27.11 25.01
C SER A 74 13.25 -26.20 23.77
N TYR A 75 12.44 -25.14 23.79
CA TYR A 75 12.39 -24.19 22.68
C TYR A 75 13.38 -23.01 22.85
N ASN A 76 14.23 -23.09 23.87
CA ASN A 76 15.23 -22.06 24.15
C ASN A 76 14.60 -20.68 24.37
N ILE A 77 13.47 -20.67 25.05
CA ILE A 77 12.75 -19.44 25.33
C ILE A 77 13.22 -18.83 26.65
N LEU A 78 13.80 -17.63 26.58
CA LEU A 78 14.41 -16.97 27.73
C LEU A 78 13.71 -15.71 28.30
N ASP A 79 12.84 -15.14 27.51
CA ASP A 79 12.23 -13.83 27.73
C ASP A 79 10.84 -13.99 27.09
N PHE A 80 9.75 -14.00 27.87
CA PHE A 80 8.44 -14.28 27.26
C PHE A 80 7.28 -13.74 28.05
N TRP A 81 6.18 -13.56 27.34
CA TRP A 81 4.86 -13.29 27.90
C TRP A 81 4.04 -14.55 27.82
N LEU A 82 3.18 -14.75 28.81
CA LEU A 82 2.24 -15.86 28.82
C LEU A 82 0.85 -15.25 28.58
N VAL A 83 0.15 -15.72 27.55
CA VAL A 83 -1.14 -15.20 27.17
C VAL A 83 -2.11 -16.36 27.22
N GLY A 84 -3.11 -16.32 28.10
CA GLY A 84 -3.99 -17.47 28.30
C GLY A 84 -5.46 -17.09 28.26
N TYR A 85 -6.26 -17.92 27.61
CA TYR A 85 -7.71 -17.81 27.55
C TYR A 85 -8.36 -18.86 28.45
N SER A 86 -9.17 -18.39 29.39
CA SER A 86 -10.06 -19.21 30.19
C SER A 86 -9.22 -20.24 30.97
N LEU A 87 -9.41 -21.56 30.79
CA LEU A 87 -8.53 -22.52 31.46
C LEU A 87 -7.05 -22.17 31.24
N GLY A 88 -6.67 -21.77 30.04
CA GLY A 88 -5.31 -21.37 29.74
C GLY A 88 -4.88 -20.15 30.55
N GLY A 89 -5.83 -19.25 30.82
CA GLY A 89 -5.55 -18.13 31.73
C GLY A 89 -5.30 -18.59 33.14
N ARG A 90 -6.05 -19.59 33.60
CA ARG A 90 -5.84 -20.12 34.94
C ARG A 90 -4.51 -20.84 35.01
N VAL A 91 -4.17 -21.65 34.00
CA VAL A 91 -2.85 -22.26 33.93
C VAL A 91 -1.76 -21.18 33.97
N ALA A 92 -1.93 -20.10 33.22
CA ALA A 92 -0.96 -19.02 33.16
C ALA A 92 -0.77 -18.39 34.53
N MET A 93 -1.88 -18.07 35.22
CA MET A 93 -1.77 -17.45 36.54
C MET A 93 -1.11 -18.38 37.53
N MET A 94 -1.48 -19.66 37.51
CA MET A 94 -0.85 -20.62 38.40
C MET A 94 0.66 -20.75 38.14
N ALA A 95 1.04 -20.89 36.88
CA ALA A 95 2.46 -21.04 36.54
C ALA A 95 3.23 -19.77 36.92
N ALA A 96 2.66 -18.62 36.63
CA ALA A 96 3.35 -17.37 36.91
C ALA A 96 3.55 -17.19 38.41
N CYS A 97 2.54 -17.52 39.21
CA CYS A 97 2.61 -17.37 40.64
C CYS A 97 3.57 -18.39 41.26
N GLN A 98 3.64 -19.59 40.66
CA GLN A 98 4.57 -20.60 41.15
C GLN A 98 6.01 -20.23 40.76
N GLY A 99 6.18 -19.55 39.63
CA GLY A 99 7.47 -19.04 39.18
C GLY A 99 7.93 -19.67 37.89
N LEU A 100 8.12 -18.85 36.86
CA LEU A 100 8.68 -19.29 35.58
C LEU A 100 9.83 -18.39 35.21
N ALA A 101 11.01 -18.94 35.03
CA ALA A 101 12.17 -18.15 34.72
C ALA A 101 12.00 -17.47 33.35
N GLY A 102 12.20 -16.15 33.33
CA GLY A 102 12.13 -15.35 32.11
C GLY A 102 10.76 -14.77 31.80
N LEU A 103 9.78 -15.01 32.67
CA LEU A 103 8.46 -14.44 32.48
C LEU A 103 8.46 -12.93 32.66
N CYS A 104 8.08 -12.16 31.64
CA CYS A 104 8.01 -10.72 31.86
C CYS A 104 6.61 -10.21 32.11
N GLY A 105 5.59 -10.95 31.71
CA GLY A 105 4.23 -10.54 31.97
C GLY A 105 3.23 -11.63 31.60
N VAL A 106 2.04 -11.47 32.16
CA VAL A 106 0.93 -12.39 31.98
C VAL A 106 -0.27 -11.62 31.48
N ILE A 107 -0.91 -12.12 30.43
CA ILE A 107 -2.16 -11.53 29.94
C ILE A 107 -3.21 -12.62 29.97
N VAL A 108 -4.29 -12.37 30.72
CA VAL A 108 -5.32 -13.37 30.98
C VAL A 108 -6.62 -12.88 30.41
N GLU A 109 -7.26 -13.71 29.60
CA GLU A 109 -8.57 -13.44 29.02
C GLU A 109 -9.60 -14.37 29.66
N GLY A 110 -10.44 -13.83 30.52
CA GLY A 110 -11.52 -14.59 31.09
C GLY A 110 -11.05 -15.76 31.94
N GLY A 111 -9.92 -15.60 32.65
CA GLY A 111 -9.42 -16.61 33.55
C GLY A 111 -9.85 -16.33 34.97
N HIS A 112 -10.40 -17.35 35.62
CA HIS A 112 -10.92 -17.19 36.98
C HIS A 112 -9.76 -17.21 38.01
N PRO A 113 -9.63 -16.18 38.86
CA PRO A 113 -8.53 -16.13 39.83
C PRO A 113 -8.68 -17.07 41.00
N GLY A 114 -9.86 -17.66 41.20
CA GLY A 114 -10.06 -18.67 42.21
C GLY A 114 -11.34 -18.45 43.01
N LEU A 115 -11.91 -19.56 43.45
CA LEU A 115 -13.06 -19.55 44.35
C LEU A 115 -12.62 -19.21 45.76
N GLN A 116 -13.58 -18.82 46.59
CA GLN A 116 -13.25 -18.26 47.89
C GLN A 116 -13.89 -18.93 49.07
N ASN A 117 -14.61 -20.02 48.88
CA ASN A 117 -15.03 -20.83 50.04
C ASN A 117 -15.29 -22.27 49.67
N ALA A 118 -15.53 -23.10 50.69
CA ALA A 118 -15.66 -24.53 50.51
C ALA A 118 -16.95 -24.89 49.78
N GLU A 119 -17.99 -24.06 49.91
CA GLU A 119 -19.28 -24.35 49.27
C GLU A 119 -19.15 -24.26 47.75
N GLN A 120 -18.54 -23.19 47.31
CA GLN A 120 -18.30 -22.97 45.90
C GLN A 120 -17.41 -24.05 45.31
N ARG A 121 -16.37 -24.44 46.03
CA ARG A 121 -15.47 -25.47 45.53
C ARG A 121 -16.19 -26.80 45.41
N ALA A 122 -17.03 -27.14 46.39
CA ALA A 122 -17.81 -28.38 46.32
C ALA A 122 -18.76 -28.38 45.13
N GLU A 123 -19.44 -27.26 44.91
CA GLU A 123 -20.35 -27.13 43.78
C GLU A 123 -19.62 -27.34 42.47
N ARG A 124 -18.46 -26.72 42.31
CA ARG A 124 -17.70 -26.85 41.08
C ARG A 124 -17.16 -28.27 40.93
N GLN A 125 -16.74 -28.87 42.05
CA GLN A 125 -16.25 -30.24 41.99
C GLN A 125 -17.34 -31.15 41.47
N ARG A 126 -18.55 -30.99 42.01
CA ARG A 126 -19.65 -31.81 41.57
C ARG A 126 -20.03 -31.56 40.12
N SER A 127 -20.07 -30.31 39.72
CA SER A 127 -20.41 -29.96 38.34
C SER A 127 -19.36 -30.50 37.35
N ASP A 128 -18.09 -30.31 37.69
CA ASP A 128 -17.05 -30.85 36.82
C ASP A 128 -17.08 -32.39 36.77
N ARG A 129 -17.39 -33.05 37.88
CA ARG A 129 -17.55 -34.49 37.89
C ARG A 129 -18.65 -34.92 36.93
N GLN A 130 -19.76 -34.18 36.87
CA GLN A 130 -20.82 -34.52 35.91
C GLN A 130 -20.36 -34.34 34.47
N TRP A 131 -19.65 -33.25 34.15
CA TRP A 131 -19.11 -33.09 32.79
C TRP A 131 -18.12 -34.20 32.46
N VAL A 132 -17.28 -34.57 33.43
CA VAL A 132 -16.32 -35.67 33.22
C VAL A 132 -17.05 -36.94 32.77
N GLN A 133 -18.14 -37.28 33.44
CA GLN A 133 -18.88 -38.47 33.06
C GLN A 133 -19.47 -38.33 31.65
N ARG A 134 -19.94 -37.14 31.28
CA ARG A 134 -20.47 -36.92 29.94
C ARG A 134 -19.36 -37.08 28.89
N PHE A 135 -18.18 -36.51 29.14
CA PHE A 135 -17.09 -36.61 28.18
C PHE A 135 -16.59 -38.06 28.03
N LEU A 136 -16.80 -38.89 29.06
CA LEU A 136 -16.43 -40.30 29.00
C LEU A 136 -17.47 -41.20 28.33
N THR A 137 -18.68 -40.71 28.13
CA THR A 137 -19.77 -41.61 27.75
C THR A 137 -20.66 -41.18 26.60
N GLU A 138 -20.60 -39.93 26.16
CA GLU A 138 -21.55 -39.40 25.20
C GLU A 138 -20.93 -38.92 23.91
N PRO A 139 -21.75 -38.82 22.84
CA PRO A 139 -21.23 -38.24 21.60
C PRO A 139 -20.75 -36.80 21.90
N LEU A 140 -19.57 -36.41 21.45
CA LEU A 140 -19.07 -35.08 21.80
C LEU A 140 -19.89 -34.00 21.16
N THR A 141 -20.53 -34.25 20.02
CA THR A 141 -21.40 -33.21 19.45
C THR A 141 -22.60 -32.93 20.40
N ALA A 142 -23.08 -33.95 21.12
CA ALA A 142 -24.14 -33.73 22.11
C ALA A 142 -23.60 -33.01 23.36
N VAL A 143 -22.43 -33.42 23.85
CA VAL A 143 -21.87 -32.80 25.04
C VAL A 143 -21.59 -31.33 24.76
N PHE A 144 -20.97 -31.04 23.61
CA PHE A 144 -20.59 -29.65 23.32
C PHE A 144 -21.82 -28.79 23.01
N ALA A 145 -22.90 -29.38 22.48
CA ALA A 145 -24.13 -28.60 22.30
C ALA A 145 -24.64 -28.04 23.63
N ASP A 146 -24.48 -28.81 24.70
CA ASP A 146 -24.81 -28.33 26.04
C ASP A 146 -23.69 -27.46 26.62
N TRP A 147 -22.45 -27.82 26.37
CA TRP A 147 -21.33 -27.02 26.86
C TRP A 147 -21.48 -25.54 26.48
N TYR A 148 -21.84 -25.29 25.21
CA TYR A 148 -21.91 -23.92 24.70
C TYR A 148 -23.26 -23.24 25.02
N GLN A 149 -24.08 -23.88 25.87
CA GLN A 149 -25.28 -23.26 26.45
C GLN A 149 -25.08 -22.94 27.94
N GLN A 150 -23.88 -23.19 28.50
CA GLN A 150 -23.59 -22.76 29.86
C GLN A 150 -23.69 -21.25 29.95
N PRO A 151 -23.93 -20.71 31.15
CA PRO A 151 -24.12 -19.25 31.28
C PRO A 151 -22.99 -18.41 30.68
N VAL A 152 -21.75 -18.87 30.77
CA VAL A 152 -20.64 -18.08 30.29
C VAL A 152 -20.70 -17.95 28.77
N PHE A 153 -21.49 -18.81 28.13
CA PHE A 153 -21.69 -18.82 26.68
C PHE A 153 -23.11 -18.44 26.24
N ALA A 154 -23.89 -17.88 27.17
CA ALA A 154 -25.24 -17.44 26.86
C ALA A 154 -25.25 -16.41 25.72
N SER A 155 -24.20 -15.61 25.63
CA SER A 155 -24.18 -14.53 24.68
C SER A 155 -24.08 -14.99 23.24
N LEU A 156 -23.62 -16.21 23.01
CA LEU A 156 -23.45 -16.73 21.65
C LEU A 156 -24.80 -16.83 20.93
N ASN A 157 -24.74 -16.72 19.60
CA ASN A 157 -25.92 -17.01 18.79
C ASN A 157 -25.84 -18.44 18.26
N ASP A 158 -26.92 -18.91 17.62
CA ASP A 158 -27.01 -20.30 17.22
C ASP A 158 -25.95 -20.68 16.18
N ASP A 159 -25.65 -19.77 15.26
CA ASP A 159 -24.62 -20.02 14.25
C ASP A 159 -23.26 -20.21 14.88
N GLN A 160 -22.94 -19.34 15.84
CA GLN A 160 -21.68 -19.43 16.56
C GLN A 160 -21.54 -20.73 17.32
N ARG A 161 -22.62 -21.14 17.97
CA ARG A 161 -22.63 -22.40 18.72
C ARG A 161 -22.44 -23.57 17.78
N ARG A 162 -23.14 -23.59 16.64
CA ARG A 162 -22.99 -24.71 15.72
C ARG A 162 -21.55 -24.85 15.25
N GLU A 163 -20.92 -23.74 14.95
CA GLU A 163 -19.54 -23.76 14.48
C GLU A 163 -18.63 -24.27 15.60
N LEU A 164 -18.85 -23.79 16.82
CA LEU A 164 -18.01 -24.24 17.95
C LEU A 164 -18.19 -25.73 18.26
N VAL A 165 -19.42 -26.21 18.24
CA VAL A 165 -19.67 -27.64 18.47
C VAL A 165 -18.89 -28.48 17.45
N ALA A 166 -18.95 -28.10 16.19
CA ALA A 166 -18.26 -28.83 15.14
C ALA A 166 -16.75 -28.80 15.39
N LEU A 167 -16.22 -27.65 15.76
CA LEU A 167 -14.79 -27.52 16.03
C LEU A 167 -14.34 -28.38 17.23
N ARG A 168 -14.98 -28.18 18.38
CA ARG A 168 -14.53 -28.86 19.59
C ARG A 168 -14.78 -30.36 19.59
N SER A 169 -15.67 -30.82 18.74
N SER A 169 -15.66 -30.80 18.70
CA SER A 169 -15.92 -32.26 18.69
CA SER A 169 -15.96 -32.24 18.59
C SER A 169 -14.75 -33.05 18.10
C SER A 169 -14.72 -33.02 18.17
N ASN A 170 -13.74 -32.36 17.56
CA ASN A 170 -12.45 -33.00 17.29
C ASN A 170 -11.61 -32.96 18.57
N ASN A 171 -11.68 -34.03 19.35
CA ASN A 171 -11.09 -34.08 20.69
C ASN A 171 -11.22 -35.48 21.20
N ASN A 172 -10.41 -35.85 22.19
CA ASN A 172 -10.50 -37.15 22.83
C ASN A 172 -11.27 -36.96 24.14
N GLY A 173 -12.47 -37.52 24.22
CA GLY A 173 -13.29 -37.32 25.40
C GLY A 173 -12.63 -37.79 26.66
N ALA A 174 -11.88 -38.90 26.59
CA ALA A 174 -11.23 -39.41 27.81
C ALA A 174 -10.15 -38.45 28.31
N THR A 175 -9.34 -37.89 27.40
CA THR A 175 -8.23 -37.06 27.86
C THR A 175 -8.75 -35.69 28.25
N LEU A 176 -9.82 -35.23 27.58
CA LEU A 176 -10.47 -33.99 28.06
C LEU A 176 -10.98 -34.19 29.47
N ALA A 177 -11.64 -35.34 29.72
CA ALA A 177 -12.18 -35.61 31.04
C ALA A 177 -11.09 -35.62 32.09
N ALA A 178 -9.97 -36.25 31.77
CA ALA A 178 -8.85 -36.30 32.74
C ALA A 178 -8.33 -34.91 33.05
N MET A 179 -8.16 -34.08 32.03
CA MET A 179 -7.65 -32.74 32.27
C MET A 179 -8.67 -31.85 32.99
N LEU A 180 -9.93 -32.01 32.68
CA LEU A 180 -10.99 -31.20 33.31
C LEU A 180 -10.93 -31.39 34.82
N GLU A 181 -10.85 -32.64 35.25
CA GLU A 181 -10.75 -32.94 36.67
C GLU A 181 -9.43 -32.42 37.26
N ALA A 182 -8.33 -32.68 36.57
CA ALA A 182 -7.01 -32.38 37.13
C ALA A 182 -6.80 -30.90 37.39
N THR A 183 -7.36 -30.02 36.54
CA THR A 183 -7.17 -28.58 36.68
C THR A 183 -8.47 -27.87 36.95
N SER A 184 -9.44 -28.60 37.48
CA SER A 184 -10.72 -28.02 37.86
C SER A 184 -10.55 -26.77 38.71
N LEU A 185 -11.38 -25.78 38.47
CA LEU A 185 -11.38 -24.61 39.35
C LEU A 185 -11.57 -25.03 40.81
N ALA A 186 -12.21 -26.16 41.06
CA ALA A 186 -12.38 -26.61 42.45
C ALA A 186 -11.09 -26.85 43.23
N VAL A 187 -10.00 -27.17 42.53
CA VAL A 187 -8.73 -27.46 43.17
C VAL A 187 -7.75 -26.29 43.11
N GLN A 188 -8.16 -25.17 42.52
CA GLN A 188 -7.26 -24.03 42.35
C GLN A 188 -7.27 -23.14 43.59
N PRO A 189 -6.08 -22.71 44.04
CA PRO A 189 -6.06 -21.72 45.12
C PRO A 189 -6.71 -20.39 44.72
N ASP A 190 -7.09 -19.59 45.70
CA ASP A 190 -7.48 -18.20 45.46
C ASP A 190 -6.22 -17.38 45.24
N LEU A 191 -5.98 -16.96 44.01
CA LEU A 191 -4.73 -16.27 43.64
C LEU A 191 -4.78 -14.73 43.79
N ARG A 192 -5.87 -14.20 44.31
CA ARG A 192 -5.99 -12.73 44.35
C ARG A 192 -4.85 -12.07 45.12
N ALA A 193 -4.47 -12.63 46.27
CA ALA A 193 -3.42 -11.98 47.06
C ALA A 193 -2.10 -12.10 46.34
N ASN A 194 -1.83 -13.27 45.79
CA ASN A 194 -0.59 -13.46 45.08
C ASN A 194 -0.47 -12.54 43.87
N LEU A 195 -1.54 -12.43 43.08
CA LEU A 195 -1.55 -11.53 41.94
C LEU A 195 -1.35 -10.07 42.35
N SER A 196 -1.89 -9.67 43.49
CA SER A 196 -1.68 -8.31 43.98
C SER A 196 -0.20 -8.00 44.21
N ALA A 197 0.55 -9.00 44.65
CA ALA A 197 1.94 -8.81 45.04
C ALA A 197 2.94 -9.16 43.95
N ARG A 198 2.42 -9.30 42.73
CA ARG A 198 3.19 -9.85 41.64
C ARG A 198 4.43 -9.06 41.29
N THR A 199 5.47 -9.77 40.88
CA THR A 199 6.68 -9.20 40.34
C THR A 199 6.51 -8.98 38.83
N PHE A 200 5.59 -9.74 38.25
CA PHE A 200 5.42 -9.74 36.82
C PHE A 200 4.29 -8.78 36.46
N ALA A 201 4.35 -8.25 35.24
CA ALA A 201 3.27 -7.44 34.73
C ALA A 201 2.03 -8.35 34.54
N PHE A 202 0.83 -7.82 34.82
CA PHE A 202 -0.40 -8.61 34.77
C PHE A 202 -1.49 -7.75 34.19
N TYR A 203 -2.08 -8.27 33.12
CA TYR A 203 -3.17 -7.61 32.40
C TYR A 203 -4.32 -8.55 32.19
N TYR A 204 -5.51 -8.00 32.20
CA TYR A 204 -6.74 -8.78 32.07
C TYR A 204 -7.52 -8.31 30.85
N LEU A 205 -8.01 -9.26 30.07
CA LEU A 205 -8.91 -9.00 28.95
C LEU A 205 -10.25 -9.63 29.23
N CYS A 206 -11.32 -8.95 28.87
CA CYS A 206 -12.63 -9.49 29.09
C CYS A 206 -13.57 -9.01 27.98
N GLY A 207 -14.39 -9.90 27.43
CA GLY A 207 -15.41 -9.46 26.50
C GLY A 207 -16.45 -8.55 27.15
N GLU A 208 -16.90 -7.55 26.40
CA GLU A 208 -17.93 -6.64 26.88
C GLU A 208 -19.16 -7.38 27.39
N ARG A 209 -19.52 -8.45 26.71
CA ARG A 209 -20.73 -9.20 27.00
C ARG A 209 -20.54 -10.35 27.99
N ASP A 210 -19.37 -10.42 28.61
CA ASP A 210 -19.05 -11.48 29.57
C ASP A 210 -19.25 -10.95 30.96
N SER A 211 -20.48 -11.00 31.47
CA SER A 211 -20.77 -10.34 32.73
C SER A 211 -20.02 -10.95 33.90
N LYS A 212 -19.89 -12.27 33.94
CA LYS A 212 -19.23 -12.93 35.05
C LYS A 212 -17.79 -12.43 35.17
N PHE A 213 -17.08 -12.36 34.05
CA PHE A 213 -15.65 -12.09 34.14
C PHE A 213 -15.35 -10.61 34.15
N ARG A 214 -16.30 -9.78 33.74
CA ARG A 214 -16.13 -8.36 33.97
C ARG A 214 -16.16 -8.08 35.46
N ALA A 215 -17.05 -8.74 36.19
CA ALA A 215 -17.11 -8.53 37.64
C ALA A 215 -15.81 -9.03 38.29
N LEU A 216 -15.32 -10.20 37.89
CA LEU A 216 -14.10 -10.74 38.47
C LEU A 216 -12.89 -9.85 38.23
N ALA A 217 -12.76 -9.32 37.02
CA ALA A 217 -11.61 -8.48 36.68
C ALA A 217 -11.56 -7.26 37.59
N ALA A 218 -12.72 -6.78 38.01
CA ALA A 218 -12.82 -5.62 38.88
C ALA A 218 -12.24 -5.91 40.27
N GLU A 219 -12.26 -7.18 40.68
CA GLU A 219 -11.70 -7.59 41.96
C GLU A 219 -10.17 -7.65 41.95
N LEU A 220 -9.59 -7.56 40.76
CA LEU A 220 -8.15 -7.78 40.58
C LEU A 220 -7.34 -6.51 40.46
N ALA A 221 -6.05 -6.64 40.77
CA ALA A 221 -5.10 -5.53 40.70
C ALA A 221 -4.45 -5.45 39.33
N ALA A 222 -5.26 -5.62 38.28
CA ALA A 222 -4.77 -5.50 36.92
C ALA A 222 -5.50 -4.45 36.12
N ASP A 223 -4.80 -3.89 35.13
CA ASP A 223 -5.42 -3.14 34.05
C ASP A 223 -6.33 -4.10 33.29
N CYS A 224 -7.63 -3.77 33.22
CA CYS A 224 -8.58 -4.57 32.42
C CYS A 224 -8.97 -3.89 31.12
N HIS A 225 -8.79 -4.63 30.04
CA HIS A 225 -9.18 -4.20 28.72
C HIS A 225 -10.49 -4.89 28.34
N VAL A 226 -11.57 -4.11 28.20
CA VAL A 226 -12.86 -4.64 27.79
C VAL A 226 -12.97 -4.63 26.28
N ILE A 227 -13.17 -5.80 25.72
CA ILE A 227 -13.21 -5.99 24.26
C ILE A 227 -14.63 -5.79 23.73
N PRO A 228 -14.84 -4.77 22.88
CA PRO A 228 -16.20 -4.48 22.43
C PRO A 228 -16.90 -5.62 21.73
N ARG A 229 -18.19 -5.74 21.95
CA ARG A 229 -19.04 -6.61 21.12
C ARG A 229 -18.55 -8.04 21.12
N ALA A 230 -18.09 -8.48 22.27
CA ALA A 230 -17.58 -9.83 22.37
C ALA A 230 -17.99 -10.50 23.65
N GLY A 231 -18.22 -11.80 23.57
CA GLY A 231 -18.48 -12.63 24.74
C GLY A 231 -17.21 -13.12 25.42
N HIS A 232 -17.31 -14.26 26.08
CA HIS A 232 -16.24 -14.79 26.92
C HIS A 232 -14.99 -15.05 26.09
N ASN A 233 -15.13 -15.73 24.96
CA ASN A 233 -14.02 -15.92 24.04
C ASN A 233 -13.94 -14.67 23.15
N ALA A 234 -13.33 -13.62 23.69
CA ALA A 234 -13.35 -12.33 22.99
C ALA A 234 -12.40 -12.37 21.79
N HIS A 235 -11.29 -13.08 21.89
CA HIS A 235 -10.34 -13.10 20.77
C HIS A 235 -10.93 -13.83 19.56
N ARG A 236 -11.81 -14.79 19.79
CA ARG A 236 -12.46 -15.48 18.69
C ARG A 236 -13.49 -14.58 18.03
N GLU A 237 -14.25 -13.82 18.82
CA GLU A 237 -15.35 -13.06 18.31
C GLU A 237 -14.93 -11.68 17.77
N ASN A 238 -13.89 -11.09 18.37
CA ASN A 238 -13.37 -9.79 17.97
C ASN A 238 -11.84 -9.83 17.98
N PRO A 239 -11.27 -10.57 17.03
CA PRO A 239 -9.81 -10.68 17.01
C PRO A 239 -9.12 -9.33 16.80
N ALA A 240 -9.69 -8.45 15.97
CA ALA A 240 -9.03 -7.17 15.72
C ALA A 240 -8.98 -6.34 17.02
N GLY A 241 -10.03 -6.40 17.83
CA GLY A 241 -10.04 -5.69 19.10
C GLY A 241 -9.03 -6.25 20.08
N VAL A 242 -8.91 -7.58 20.15
CA VAL A 242 -7.90 -8.17 21.01
C VAL A 242 -6.50 -7.88 20.53
N ILE A 243 -6.27 -7.91 19.22
CA ILE A 243 -4.94 -7.53 18.69
C ILE A 243 -4.59 -6.10 19.11
N ALA A 244 -5.56 -5.18 19.05
CA ALA A 244 -5.29 -3.80 19.44
C ALA A 244 -4.93 -3.70 20.93
N SER A 245 -5.67 -4.41 21.77
CA SER A 245 -5.38 -4.39 23.19
C SER A 245 -4.00 -4.99 23.47
N LEU A 246 -3.68 -6.11 22.83
CA LEU A 246 -2.37 -6.71 23.03
C LEU A 246 -1.26 -5.75 22.58
N ALA A 247 -1.49 -5.03 21.49
CA ALA A 247 -0.47 -4.10 21.01
C ALA A 247 -0.25 -2.99 22.02
N GLN A 248 -1.31 -2.48 22.63
CA GLN A 248 -1.18 -1.41 23.63
C GLN A 248 -0.36 -1.91 24.83
N ILE A 249 -0.64 -3.14 25.24
CA ILE A 249 0.04 -3.75 26.39
C ILE A 249 1.50 -3.98 26.09
N LEU A 250 1.77 -4.59 24.94
CA LEU A 250 3.11 -5.10 24.66
C LEU A 250 4.10 -4.03 24.20
N ARG A 251 3.62 -3.03 23.49
CA ARG A 251 4.51 -2.14 22.80
C ARG A 251 4.74 -0.88 23.63
N PHE A 252 4.15 -0.87 24.83
CA PHE A 252 4.38 0.19 25.82
C PHE A 252 5.02 -0.42 27.05
N MET B 1 17.10 42.39 -9.60
CA MET B 1 16.29 41.51 -10.50
C MET B 1 16.69 40.05 -10.35
N ILE B 2 15.69 39.21 -10.16
CA ILE B 2 15.89 37.78 -10.13
C ILE B 2 14.95 37.17 -11.15
N LEU B 3 15.20 35.92 -11.49
CA LEU B 3 14.33 35.19 -12.38
C LEU B 3 13.05 34.77 -11.66
N HIS B 4 11.94 34.77 -12.38
CA HIS B 4 10.74 34.16 -11.86
C HIS B 4 10.98 32.67 -11.69
N ALA B 5 10.49 32.10 -10.59
CA ALA B 5 10.63 30.68 -10.32
C ALA B 5 9.53 30.21 -9.40
N GLN B 6 9.30 28.90 -9.39
CA GLN B 6 8.43 28.26 -8.39
C GLN B 6 9.28 27.37 -7.51
N ALA B 7 9.23 27.62 -6.20
CA ALA B 7 9.99 26.83 -5.22
C ALA B 7 9.09 25.85 -4.50
N LYS B 8 9.61 24.65 -4.27
CA LYS B 8 8.95 23.64 -3.47
C LYS B 8 9.96 23.20 -2.41
N HIS B 9 9.57 23.28 -1.15
CA HIS B 9 10.48 22.91 -0.08
C HIS B 9 10.35 21.45 0.30
N GLY B 10 11.50 20.78 0.37
CA GLY B 10 11.57 19.40 0.82
C GLY B 10 12.13 19.33 2.22
N LYS B 11 12.87 18.27 2.49
CA LYS B 11 13.42 18.07 3.83
C LYS B 11 14.52 19.06 4.05
N PRO B 12 14.53 19.76 5.19
CA PRO B 12 15.64 20.69 5.39
C PRO B 12 16.97 19.97 5.42
N GLY B 13 17.94 20.58 4.74
CA GLY B 13 19.29 20.05 4.73
C GLY B 13 19.60 19.25 3.48
N LEU B 14 18.58 18.73 2.79
CA LEU B 14 18.82 18.02 1.54
C LEU B 14 19.08 19.05 0.44
N PRO B 15 19.81 18.67 -0.59
CA PRO B 15 20.10 19.62 -1.67
C PRO B 15 18.85 20.11 -2.37
N TRP B 16 18.99 21.28 -3.00
CA TRP B 16 18.01 21.71 -3.98
C TRP B 16 18.30 21.10 -5.35
N LEU B 17 17.24 20.81 -6.07
CA LEU B 17 17.28 20.47 -7.49
C LEU B 17 16.77 21.68 -8.24
N VAL B 18 17.64 22.33 -9.01
CA VAL B 18 17.29 23.56 -9.72
C VAL B 18 17.15 23.18 -11.19
N PHE B 19 15.92 23.27 -11.70
CA PHE B 19 15.55 22.76 -13.02
C PHE B 19 15.45 23.89 -14.01
N LEU B 20 16.08 23.73 -15.19
CA LEU B 20 16.07 24.69 -16.28
C LEU B 20 15.47 24.05 -17.52
N HIS B 21 14.36 24.62 -17.95
CA HIS B 21 13.68 24.20 -19.16
C HIS B 21 14.46 24.56 -20.44
N GLY B 22 13.94 24.16 -21.62
CA GLY B 22 14.53 24.46 -22.88
C GLY B 22 13.88 25.61 -23.60
N PHE B 23 14.31 25.85 -24.82
CA PHE B 23 13.80 26.99 -25.58
C PHE B 23 12.30 26.81 -25.85
N SER B 24 11.56 27.87 -25.54
CA SER B 24 10.11 28.00 -25.58
C SER B 24 9.41 27.33 -24.42
N GLY B 25 10.16 26.69 -23.52
CA GLY B 25 9.55 26.10 -22.36
C GLY B 25 9.27 27.12 -21.26
N ASP B 26 8.86 26.62 -20.10
CA ASP B 26 8.74 27.44 -18.89
C ASP B 26 8.91 26.53 -17.68
N CYS B 27 8.67 27.09 -16.49
CA CYS B 27 8.97 26.39 -15.25
C CYS B 27 8.15 25.14 -15.01
N HIS B 28 7.12 24.89 -15.83
CA HIS B 28 6.39 23.65 -15.72
C HIS B 28 7.07 22.44 -16.34
N GLU B 29 8.05 22.71 -17.20
CA GLU B 29 8.69 21.67 -18.02
C GLU B 29 9.13 20.46 -17.21
N TRP B 30 9.84 20.70 -16.12
CA TRP B 30 10.45 19.63 -15.33
C TRP B 30 9.56 19.16 -14.16
N GLN B 31 8.36 19.72 -13.99
CA GLN B 31 7.63 19.45 -12.74
C GLN B 31 7.10 18.01 -12.63
N GLU B 32 6.72 17.39 -13.74
CA GLU B 32 6.27 16.00 -13.67
C GLU B 32 7.39 15.10 -13.11
N VAL B 33 8.63 15.31 -13.56
CA VAL B 33 9.77 14.56 -13.08
C VAL B 33 10.21 15.03 -11.69
N GLY B 34 10.36 16.34 -11.51
CA GLY B 34 10.94 16.88 -10.30
C GLY B 34 10.14 16.61 -9.05
N GLU B 35 8.82 16.57 -9.20
CA GLU B 35 7.96 16.37 -8.02
C GLU B 35 8.05 14.95 -7.49
N ALA B 36 8.62 14.03 -8.27
CA ALA B 36 8.95 12.68 -7.80
C ALA B 36 10.03 12.74 -6.72
N PHE B 37 10.80 13.81 -6.69
CA PHE B 37 11.88 13.97 -5.72
C PHE B 37 11.43 14.84 -4.54
N ALA B 38 10.35 14.39 -3.92
CA ALA B 38 9.61 15.17 -2.92
C ALA B 38 10.42 15.45 -1.66
N ASP B 39 11.48 14.68 -1.41
CA ASP B 39 12.32 14.88 -0.22
C ASP B 39 13.38 15.98 -0.46
N TYR B 40 13.71 16.24 -1.74
CA TYR B 40 14.60 17.34 -2.08
C TYR B 40 13.80 18.63 -2.14
N SER B 41 14.46 19.78 -2.08
CA SER B 41 13.78 21.03 -2.45
C SER B 41 13.93 21.19 -3.96
N ARG B 42 12.95 21.82 -4.59
CA ARG B 42 12.93 21.97 -6.06
C ARG B 42 12.73 23.43 -6.41
N LEU B 43 13.53 23.95 -7.33
CA LEU B 43 13.34 25.29 -7.86
C LEU B 43 13.12 25.14 -9.34
N TYR B 44 11.94 25.53 -9.80
CA TYR B 44 11.60 25.49 -11.22
C TYR B 44 11.72 26.90 -11.77
N VAL B 45 12.76 27.13 -12.55
CA VAL B 45 13.13 28.45 -13.00
C VAL B 45 12.54 28.79 -14.37
N ASP B 46 12.08 30.03 -14.55
CA ASP B 46 11.81 30.58 -15.89
C ASP B 46 13.03 31.33 -16.41
N LEU B 47 13.60 30.86 -17.51
CA LEU B 47 14.74 31.54 -18.11
C LEU B 47 14.31 32.89 -18.66
N PRO B 48 15.27 33.81 -18.84
CA PRO B 48 14.95 35.07 -19.50
C PRO B 48 14.14 34.86 -20.80
N GLY B 49 13.12 35.70 -21.03
CA GLY B 49 12.31 35.63 -22.22
C GLY B 49 11.21 34.60 -22.15
N HIS B 50 11.16 33.81 -21.08
CA HIS B 50 10.26 32.66 -20.96
C HIS B 50 9.41 32.77 -19.72
N GLY B 51 8.19 32.23 -19.80
CA GLY B 51 7.31 32.19 -18.64
C GLY B 51 7.18 33.56 -17.99
N GLY B 52 7.23 33.60 -16.66
CA GLY B 52 7.17 34.83 -15.89
C GLY B 52 8.40 35.67 -15.97
N SER B 53 9.47 35.17 -16.59
CA SER B 53 10.69 35.94 -16.82
C SER B 53 10.73 36.57 -18.19
N ALA B 54 9.58 36.64 -18.87
CA ALA B 54 9.54 37.16 -20.23
C ALA B 54 10.22 38.52 -20.36
N ALA B 55 10.00 39.41 -19.39
CA ALA B 55 10.45 40.80 -19.49
C ALA B 55 11.90 40.99 -19.10
N ILE B 56 12.57 39.92 -18.69
CA ILE B 56 13.96 39.98 -18.32
C ILE B 56 14.80 39.76 -19.55
N SER B 57 15.49 40.78 -20.01
CA SER B 57 16.30 40.61 -21.20
C SER B 57 17.75 40.44 -20.82
N VAL B 58 18.45 39.72 -21.66
CA VAL B 58 19.86 39.46 -21.47
C VAL B 58 20.61 39.67 -22.77
N ASP B 59 21.90 40.00 -22.64
CA ASP B 59 22.75 40.17 -23.80
C ASP B 59 23.50 38.91 -24.18
N GLY B 60 23.55 37.95 -23.27
CA GLY B 60 24.29 36.73 -23.48
C GLY B 60 24.36 35.90 -22.22
N PHE B 61 25.23 34.90 -22.24
CA PHE B 61 25.29 33.95 -21.13
C PHE B 61 25.80 34.57 -19.84
N ASP B 62 26.70 35.54 -19.89
CA ASP B 62 27.15 36.19 -18.65
C ASP B 62 25.95 36.72 -17.85
N ASP B 63 25.05 37.39 -18.54
CA ASP B 63 23.87 37.95 -17.88
C ASP B 63 23.00 36.84 -17.32
N VAL B 64 22.84 35.74 -18.05
CA VAL B 64 21.98 34.65 -17.57
C VAL B 64 22.59 34.03 -16.32
N THR B 65 23.89 33.80 -16.34
CA THR B 65 24.56 33.25 -15.14
C THR B 65 24.41 34.16 -13.94
N ASP B 66 24.58 35.45 -14.16
CA ASP B 66 24.41 36.41 -13.07
C ASP B 66 22.99 36.38 -12.50
N LEU B 67 22.00 36.34 -13.37
CA LEU B 67 20.61 36.25 -12.92
C LEU B 67 20.38 34.96 -12.15
N LEU B 68 20.94 33.86 -12.65
CA LEU B 68 20.82 32.60 -11.93
C LEU B 68 21.44 32.68 -10.53
N ARG B 69 22.63 33.27 -10.44
CA ARG B 69 23.29 33.44 -9.14
C ARG B 69 22.42 34.21 -8.17
N LYS B 70 21.89 35.34 -8.63
CA LYS B 70 21.06 36.19 -7.78
C LYS B 70 19.79 35.46 -7.36
N THR B 71 19.23 34.67 -8.26
CA THR B 71 18.01 33.94 -7.96
C THR B 71 18.29 32.90 -6.87
N LEU B 72 19.39 32.18 -7.00
CA LEU B 72 19.74 31.19 -6.00
C LEU B 72 19.92 31.84 -4.62
N VAL B 73 20.58 32.98 -4.56
CA VAL B 73 20.79 33.69 -3.31
C VAL B 73 19.45 34.10 -2.72
N SER B 74 18.56 34.61 -3.56
CA SER B 74 17.28 35.07 -3.09
C SER B 74 16.44 33.96 -2.44
N TYR B 75 16.59 32.73 -2.92
CA TYR B 75 15.88 31.59 -2.35
C TYR B 75 16.68 30.87 -1.24
N ASN B 76 17.81 31.47 -0.85
CA ASN B 76 18.68 30.90 0.20
C ASN B 76 19.17 29.50 -0.12
N ILE B 77 19.48 29.28 -1.40
CA ILE B 77 19.94 27.99 -1.86
C ILE B 77 21.47 27.90 -1.75
N LEU B 78 21.95 26.98 -0.91
CA LEU B 78 23.38 26.85 -0.61
C LEU B 78 24.11 25.61 -1.14
N ASP B 79 23.35 24.61 -1.52
CA ASP B 79 23.80 23.27 -1.84
C ASP B 79 22.80 22.80 -2.88
N PHE B 80 23.22 22.64 -4.15
CA PHE B 80 22.24 22.34 -5.20
C PHE B 80 22.82 21.64 -6.41
N TRP B 81 21.95 20.94 -7.11
CA TRP B 81 22.21 20.38 -8.43
C TRP B 81 21.51 21.25 -9.45
N LEU B 82 22.12 21.39 -10.62
CA LEU B 82 21.52 22.09 -11.74
C LEU B 82 21.14 21.03 -12.78
N VAL B 83 19.87 20.99 -13.18
CA VAL B 83 19.34 20.00 -14.07
C VAL B 83 18.75 20.76 -15.27
N GLY B 84 19.30 20.58 -16.45
CA GLY B 84 18.89 21.39 -17.59
C GLY B 84 18.59 20.58 -18.84
N TYR B 85 17.51 20.92 -19.53
CA TYR B 85 17.09 20.34 -20.80
C TYR B 85 17.40 21.30 -21.95
N SER B 86 18.18 20.81 -22.91
CA SER B 86 18.39 21.45 -24.19
C SER B 86 19.00 22.85 -23.93
N LEU B 87 18.37 23.95 -24.34
CA LEU B 87 18.90 25.27 -24.01
C LEU B 87 19.20 25.40 -22.53
N GLY B 88 18.32 24.86 -21.69
CA GLY B 88 18.55 24.87 -20.27
C GLY B 88 19.80 24.09 -19.85
N GLY B 89 20.10 23.00 -20.57
CA GLY B 89 21.36 22.29 -20.36
C GLY B 89 22.57 23.14 -20.72
N ARG B 90 22.46 23.92 -21.81
CA ARG B 90 23.54 24.78 -22.22
C ARG B 90 23.71 25.90 -21.21
N VAL B 91 22.63 26.50 -20.73
CA VAL B 91 22.70 27.48 -19.66
C VAL B 91 23.38 26.87 -18.43
N ALA B 92 23.01 25.64 -18.08
CA ALA B 92 23.58 24.98 -16.92
C ALA B 92 25.07 24.76 -17.08
N MET B 93 25.51 24.28 -18.25
CA MET B 93 26.93 24.05 -18.47
C MET B 93 27.71 25.38 -18.44
N MET B 94 27.18 26.43 -19.07
CA MET B 94 27.83 27.72 -19.02
C MET B 94 27.95 28.26 -17.60
N ALA B 95 26.86 28.22 -16.85
CA ALA B 95 26.89 28.73 -15.48
C ALA B 95 27.85 27.92 -14.61
N ALA B 96 27.80 26.61 -14.74
CA ALA B 96 28.66 25.76 -13.91
C ALA B 96 30.14 26.01 -14.22
N CYS B 97 30.47 26.16 -15.50
CA CYS B 97 31.86 26.39 -15.89
C CYS B 97 32.32 27.78 -15.46
N GLN B 98 31.41 28.76 -15.47
CA GLN B 98 31.78 30.10 -15.03
C GLN B 98 31.92 30.16 -13.50
N GLY B 99 31.14 29.33 -12.79
CA GLY B 99 31.24 29.19 -11.34
C GLY B 99 29.98 29.61 -10.63
N LEU B 100 29.35 28.68 -9.92
CA LEU B 100 28.20 28.98 -9.08
C LEU B 100 28.47 28.44 -7.70
N ALA B 101 28.41 29.28 -6.70
CA ALA B 101 28.71 28.85 -5.36
C ALA B 101 27.65 27.87 -4.86
N GLY B 102 28.12 26.72 -4.37
CA GLY B 102 27.26 25.68 -3.81
C GLY B 102 26.83 24.61 -4.80
N LEU B 103 27.27 24.70 -6.05
CA LEU B 103 26.94 23.70 -7.05
C LEU B 103 27.61 22.37 -6.76
N CYS B 104 26.82 21.29 -6.56
CA CYS B 104 27.47 19.99 -6.36
C CYS B 104 27.49 19.14 -7.62
N GLY B 105 26.60 19.38 -8.56
CA GLY B 105 26.63 18.62 -9.79
C GLY B 105 25.68 19.19 -10.83
N VAL B 106 25.93 18.80 -12.07
CA VAL B 106 25.17 19.22 -13.22
C VAL B 106 24.67 18.02 -13.96
N ILE B 107 23.39 18.02 -14.30
CA ILE B 107 22.80 16.96 -15.11
C ILE B 107 22.20 17.62 -16.33
N VAL B 108 22.68 17.23 -17.51
CA VAL B 108 22.31 17.85 -18.76
C VAL B 108 21.59 16.83 -19.64
N GLU B 109 20.42 17.20 -20.13
CA GLU B 109 19.65 16.39 -21.06
C GLU B 109 19.65 17.07 -22.43
N GLY B 110 20.37 16.49 -23.38
CA GLY B 110 20.36 16.97 -24.72
C GLY B 110 20.88 18.39 -24.87
N GLY B 111 21.85 18.78 -24.04
CA GLY B 111 22.48 20.09 -24.15
C GLY B 111 23.77 20.02 -24.97
N HIS B 112 23.89 20.92 -25.94
CA HIS B 112 25.04 20.91 -26.85
C HIS B 112 26.25 21.56 -26.16
N PRO B 113 27.40 20.86 -26.10
CA PRO B 113 28.57 21.40 -25.42
C PRO B 113 29.29 22.50 -26.19
N GLY B 114 28.96 22.67 -27.46
CA GLY B 114 29.50 23.78 -28.22
C GLY B 114 29.96 23.37 -29.60
N LEU B 115 29.85 24.30 -30.54
CA LEU B 115 30.36 24.12 -31.91
C LEU B 115 31.87 24.26 -31.95
N GLN B 116 32.48 23.80 -33.03
CA GLN B 116 33.93 23.66 -33.05
C GLN B 116 34.63 24.40 -34.15
N ASN B 117 33.91 25.17 -34.96
CA ASN B 117 34.60 26.12 -35.84
C ASN B 117 33.72 27.27 -36.27
N ALA B 118 34.31 28.29 -36.89
CA ALA B 118 33.59 29.51 -37.21
C ALA B 118 32.52 29.28 -38.29
N GLU B 119 32.71 28.27 -39.14
CA GLU B 119 31.72 28.00 -40.18
C GLU B 119 30.39 27.43 -39.63
N GLN B 120 30.50 26.48 -38.71
CA GLN B 120 29.32 25.94 -38.01
C GLN B 120 28.64 27.05 -37.25
N ARG B 121 29.42 27.92 -36.65
CA ARG B 121 28.85 29.02 -35.90
C ARG B 121 28.12 29.98 -36.84
N ALA B 122 28.68 30.28 -37.99
CA ALA B 122 28.00 31.14 -38.95
C ALA B 122 26.70 30.53 -39.42
N GLU B 123 26.69 29.24 -39.68
CA GLU B 123 25.46 28.54 -40.12
C GLU B 123 24.37 28.66 -39.05
N ARG B 124 24.72 28.40 -37.79
CA ARG B 124 23.75 28.49 -36.70
C ARG B 124 23.32 29.93 -36.50
N GLN B 125 24.23 30.90 -36.63
CA GLN B 125 23.85 32.30 -36.47
C GLN B 125 22.81 32.66 -37.52
N ARG B 126 23.03 32.24 -38.76
CA ARG B 126 22.09 32.54 -39.83
C ARG B 126 20.74 31.86 -39.60
N SER B 127 20.77 30.59 -39.18
CA SER B 127 19.55 29.83 -38.95
C SER B 127 18.74 30.43 -37.78
N ASP B 128 19.42 30.74 -36.68
CA ASP B 128 18.74 31.35 -35.57
C ASP B 128 18.22 32.74 -35.95
N ARG B 129 18.94 33.49 -36.78
CA ARG B 129 18.45 34.77 -37.27
C ARG B 129 17.13 34.60 -38.03
N GLN B 130 17.02 33.55 -38.83
CA GLN B 130 15.77 33.27 -39.54
C GLN B 130 14.66 32.93 -38.58
N TRP B 131 14.91 32.10 -37.58
CA TRP B 131 13.87 31.81 -36.58
C TRP B 131 13.46 33.06 -35.82
N VAL B 132 14.43 33.90 -35.49
CA VAL B 132 14.13 35.17 -34.80
C VAL B 132 13.11 35.98 -35.60
N GLN B 133 13.33 36.11 -36.90
CA GLN B 133 12.39 36.86 -37.73
C GLN B 133 11.01 36.22 -37.74
N ARG B 134 10.95 34.89 -37.75
CA ARG B 134 9.66 34.20 -37.72
C ARG B 134 8.95 34.46 -36.38
N PHE B 135 9.66 34.37 -35.27
CA PHE B 135 9.06 34.61 -33.95
C PHE B 135 8.57 36.06 -33.80
N LEU B 136 9.17 36.98 -34.54
CA LEU B 136 8.76 38.39 -34.49
C LEU B 136 7.57 38.71 -35.41
N THR B 137 7.24 37.81 -36.34
CA THR B 137 6.31 38.19 -37.41
C THR B 137 5.17 37.22 -37.72
N GLU B 138 5.21 35.99 -37.22
CA GLU B 138 4.26 34.96 -37.64
C GLU B 138 3.39 34.43 -36.49
N PRO B 139 2.24 33.80 -36.83
CA PRO B 139 1.45 33.15 -35.79
C PRO B 139 2.31 32.08 -35.13
N LEU B 140 2.35 32.01 -33.81
CA LEU B 140 3.23 31.05 -33.17
C LEU B 140 2.77 29.63 -33.43
N THR B 141 1.49 29.38 -33.69
CA THR B 141 1.10 28.02 -34.03
C THR B 141 1.75 27.60 -35.37
N ALA B 142 1.94 28.52 -36.29
CA ALA B 142 2.62 28.20 -37.55
C ALA B 142 4.13 28.03 -37.33
N VAL B 143 4.76 28.91 -36.55
CA VAL B 143 6.19 28.80 -36.32
C VAL B 143 6.49 27.48 -35.60
N PHE B 144 5.71 27.14 -34.56
CA PHE B 144 6.00 25.92 -33.79
C PHE B 144 5.65 24.67 -34.59
N ALA B 145 4.71 24.72 -35.55
CA ALA B 145 4.47 23.55 -36.40
C ALA B 145 5.74 23.21 -37.20
N ASP B 146 6.50 24.22 -37.61
CA ASP B 146 7.79 23.97 -38.26
C ASP B 146 8.90 23.70 -37.26
N TRP B 147 8.89 24.37 -36.12
CA TRP B 147 9.90 24.12 -35.09
C TRP B 147 9.99 22.64 -34.74
N TYR B 148 8.83 22.00 -34.57
CA TYR B 148 8.77 20.59 -34.15
C TYR B 148 8.91 19.59 -35.32
N GLN B 149 9.27 20.11 -36.51
CA GLN B 149 9.68 19.27 -37.64
C GLN B 149 11.19 19.41 -37.91
N GLN B 150 11.92 20.15 -37.08
CA GLN B 150 13.38 20.17 -37.19
C GLN B 150 13.94 18.78 -36.96
N PRO B 151 15.15 18.50 -37.47
CA PRO B 151 15.69 17.14 -37.32
C PRO B 151 15.72 16.61 -35.90
N VAL B 152 15.99 17.44 -34.92
CA VAL B 152 16.11 16.98 -33.55
C VAL B 152 14.74 16.46 -33.04
N PHE B 153 13.66 16.85 -33.73
CA PHE B 153 12.29 16.46 -33.41
C PHE B 153 11.66 15.53 -34.45
N ALA B 154 12.47 14.99 -35.36
CA ALA B 154 11.98 14.06 -36.37
C ALA B 154 11.29 12.85 -35.75
N SER B 155 11.75 12.43 -34.57
CA SER B 155 11.25 11.22 -33.95
C SER B 155 9.81 11.35 -33.47
N LEU B 156 9.32 12.57 -33.27
CA LEU B 156 7.95 12.78 -32.78
C LEU B 156 6.92 12.27 -33.77
N ASN B 157 5.78 11.86 -33.23
CA ASN B 157 4.63 11.56 -34.07
C ASN B 157 3.70 12.77 -34.14
N ASP B 158 2.68 12.69 -35.00
CA ASP B 158 1.84 13.85 -35.28
C ASP B 158 1.05 14.30 -34.06
N ASP B 159 0.58 13.35 -33.26
CA ASP B 159 -0.16 13.69 -32.03
C ASP B 159 0.72 14.45 -31.06
N GLN B 160 1.95 13.96 -30.90
CA GLN B 160 2.91 14.61 -30.01
C GLN B 160 3.21 16.04 -30.47
N ARG B 161 3.41 16.20 -31.78
CA ARG B 161 3.66 17.52 -32.34
C ARG B 161 2.47 18.44 -32.12
N ARG B 162 1.24 17.97 -32.37
CA ARG B 162 0.07 18.85 -32.19
C ARG B 162 0.00 19.35 -30.74
N GLU B 163 0.24 18.45 -29.81
CA GLU B 163 0.19 18.81 -28.40
C GLU B 163 1.28 19.83 -28.05
N LEU B 164 2.49 19.62 -28.56
CA LEU B 164 3.58 20.57 -28.32
C LEU B 164 3.32 21.91 -28.94
N VAL B 165 2.80 21.96 -30.16
CA VAL B 165 2.48 23.24 -30.79
C VAL B 165 1.49 24.04 -29.92
N ALA B 166 0.45 23.37 -29.44
CA ALA B 166 -0.57 24.03 -28.63
C ALA B 166 0.06 24.56 -27.36
N LEU B 167 0.91 23.75 -26.74
CA LEU B 167 1.59 24.16 -25.50
C LEU B 167 2.52 25.37 -25.71
N ARG B 168 3.47 25.26 -26.64
CA ARG B 168 4.47 26.31 -26.82
C ARG B 168 3.88 27.58 -27.38
N SER B 169 2.72 27.51 -28.01
CA SER B 169 2.13 28.73 -28.55
C SER B 169 1.66 29.71 -27.47
N ASN B 170 1.65 29.29 -26.20
CA ASN B 170 1.56 30.25 -25.10
C ASN B 170 2.96 30.79 -24.75
N ASN B 171 3.30 31.92 -25.35
CA ASN B 171 4.65 32.45 -25.31
C ASN B 171 4.62 33.84 -25.94
N ASN B 172 5.60 34.67 -25.62
CA ASN B 172 5.74 35.98 -26.21
C ASN B 172 6.78 35.87 -27.34
N GLY B 173 6.36 36.00 -28.60
CA GLY B 173 7.29 35.83 -29.70
C GLY B 173 8.45 36.79 -29.67
N ALA B 174 8.22 38.02 -29.23
CA ALA B 174 9.32 39.00 -29.17
C ALA B 174 10.37 38.59 -28.14
N THR B 175 9.95 38.13 -26.95
CA THR B 175 10.93 37.86 -25.90
C THR B 175 11.58 36.51 -26.18
N LEU B 176 10.87 35.57 -26.82
CA LEU B 176 11.52 34.35 -27.29
C LEU B 176 12.60 34.70 -28.30
N ALA B 177 12.27 35.57 -29.25
CA ALA B 177 13.23 35.95 -30.27
C ALA B 177 14.48 36.57 -29.65
N ALA B 178 14.30 37.44 -28.66
CA ALA B 178 15.45 38.09 -28.01
C ALA B 178 16.33 37.06 -27.30
N MET B 179 15.72 36.12 -26.61
CA MET B 179 16.50 35.13 -25.91
C MET B 179 17.18 34.15 -26.86
N LEU B 180 16.50 33.79 -27.95
CA LEU B 180 17.07 32.84 -28.94
C LEU B 180 18.39 33.40 -29.44
N GLU B 181 18.39 34.67 -29.80
CA GLU B 181 19.61 35.33 -30.27
C GLU B 181 20.68 35.43 -29.19
N ALA B 182 20.25 35.87 -28.00
CA ALA B 182 21.21 36.14 -26.92
C ALA B 182 22.01 34.91 -26.47
N THR B 183 21.38 33.74 -26.49
CA THR B 183 22.01 32.52 -26.02
C THR B 183 22.15 31.48 -27.13
N SER B 184 22.11 31.95 -28.39
CA SER B 184 22.30 31.09 -29.53
C SER B 184 23.54 30.20 -29.37
N LEU B 185 23.45 28.96 -29.81
CA LEU B 185 24.63 28.12 -29.84
C LEU B 185 25.76 28.80 -30.62
N ALA B 186 25.44 29.68 -31.55
CA ALA B 186 26.49 30.36 -32.31
C ALA B 186 27.45 31.19 -31.45
N VAL B 187 27.02 31.67 -30.29
CA VAL B 187 27.86 32.51 -29.44
C VAL B 187 28.43 31.73 -28.26
N GLN B 188 28.13 30.43 -28.15
CA GLN B 188 28.60 29.63 -27.01
C GLN B 188 30.02 29.11 -27.24
N PRO B 189 30.89 29.22 -26.22
CA PRO B 189 32.20 28.56 -26.34
C PRO B 189 32.08 27.04 -26.48
N ASP B 190 33.15 26.42 -26.98
CA ASP B 190 33.30 24.97 -26.91
C ASP B 190 33.68 24.58 -25.50
N LEU B 191 32.76 24.01 -24.75
CA LEU B 191 32.98 23.69 -23.35
C LEU B 191 33.61 22.31 -23.07
N ARG B 192 33.99 21.58 -24.12
CA ARG B 192 34.48 20.23 -23.89
C ARG B 192 35.69 20.17 -22.97
N ALA B 193 36.64 21.08 -23.13
CA ALA B 193 37.84 21.02 -22.31
C ALA B 193 37.50 21.40 -20.89
N ASN B 194 36.69 22.43 -20.73
CA ASN B 194 36.32 22.84 -19.40
C ASN B 194 35.55 21.73 -18.65
N LEU B 195 34.60 21.10 -19.35
CA LEU B 195 33.85 20.00 -18.74
C LEU B 195 34.76 18.82 -18.36
N SER B 196 35.78 18.54 -19.14
CA SER B 196 36.75 17.49 -18.81
C SER B 196 37.44 17.73 -17.49
N ALA B 197 37.69 18.99 -17.18
CA ALA B 197 38.47 19.36 -16.00
C ALA B 197 37.61 19.73 -14.81
N ARG B 198 36.33 19.36 -14.89
CA ARG B 198 35.36 19.83 -13.93
C ARG B 198 35.64 19.43 -12.50
N THR B 199 35.32 20.33 -11.58
CA THR B 199 35.33 20.04 -10.15
C THR B 199 33.97 19.49 -9.73
N PHE B 200 32.96 19.79 -10.53
CA PHE B 200 31.61 19.43 -10.19
C PHE B 200 31.30 18.10 -10.87
N ALA B 201 30.39 17.35 -10.27
CA ALA B 201 29.90 16.15 -10.89
C ALA B 201 29.11 16.51 -12.15
N PHE B 202 29.24 15.71 -13.20
CA PHE B 202 28.61 16.01 -14.49
C PHE B 202 28.05 14.73 -15.09
N TYR B 203 26.75 14.76 -15.36
CA TYR B 203 26.05 13.62 -15.95
C TYR B 203 25.25 14.05 -17.15
N TYR B 204 25.13 13.15 -18.11
CA TYR B 204 24.42 13.42 -19.34
C TYR B 204 23.26 12.45 -19.54
N LEU B 205 22.11 12.99 -19.93
CA LEU B 205 20.93 12.19 -20.29
C LEU B 205 20.63 12.42 -21.75
N CYS B 206 20.22 11.36 -22.43
N CYS B 206 20.28 11.36 -22.47
CA CYS B 206 19.88 11.43 -23.84
CA CYS B 206 19.73 11.57 -23.81
C CYS B 206 18.80 10.42 -24.22
C CYS B 206 18.76 10.47 -24.16
N GLY B 207 17.80 10.83 -24.98
CA GLY B 207 16.83 9.87 -25.48
C GLY B 207 17.48 8.88 -26.42
N GLU B 208 17.03 7.64 -26.32
CA GLU B 208 17.50 6.61 -27.21
C GLU B 208 17.38 7.00 -28.68
N ARG B 209 16.31 7.70 -29.04
CA ARG B 209 15.99 8.07 -30.44
C ARG B 209 16.57 9.41 -30.87
N ASP B 210 17.40 10.00 -30.02
CA ASP B 210 18.03 11.30 -30.29
C ASP B 210 19.43 11.08 -30.81
N SER B 211 19.54 10.83 -32.13
CA SER B 211 20.81 10.41 -32.66
C SER B 211 21.90 11.48 -32.52
N LYS B 212 21.53 12.72 -32.73
CA LYS B 212 22.47 13.84 -32.70
C LYS B 212 23.13 13.89 -31.31
N PHE B 213 22.33 13.81 -30.27
CA PHE B 213 22.90 14.05 -28.93
C PHE B 213 23.47 12.78 -28.32
N ARG B 214 23.11 11.61 -28.85
CA ARG B 214 23.82 10.42 -28.44
C ARG B 214 25.25 10.50 -28.91
N ALA B 215 25.47 11.01 -30.12
CA ALA B 215 26.82 11.13 -30.63
C ALA B 215 27.60 12.17 -29.82
N LEU B 216 26.98 13.31 -29.50
CA LEU B 216 27.66 14.33 -28.73
C LEU B 216 28.06 13.87 -27.33
N ALA B 217 27.17 13.15 -26.67
CA ALA B 217 27.43 12.66 -25.33
C ALA B 217 28.68 11.80 -25.29
N ALA B 218 28.89 11.06 -26.37
CA ALA B 218 30.04 10.16 -26.47
C ALA B 218 31.35 10.95 -26.53
N GLU B 219 31.29 12.19 -27.01
CA GLU B 219 32.47 13.05 -27.07
C GLU B 219 32.85 13.59 -25.69
N LEU B 220 31.96 13.43 -24.72
CA LEU B 220 32.12 14.04 -23.42
C LEU B 220 32.65 13.05 -22.39
N ALA B 221 32.45 11.77 -22.67
CA ALA B 221 32.94 10.69 -21.81
C ALA B 221 32.64 10.97 -20.33
N ALA B 222 31.40 11.37 -20.09
CA ALA B 222 30.87 11.59 -18.76
C ALA B 222 29.82 10.52 -18.69
N ASP B 223 29.37 10.15 -17.50
CA ASP B 223 28.29 9.17 -17.38
C ASP B 223 27.10 9.62 -18.21
N CYS B 224 26.78 8.85 -19.25
CA CYS B 224 25.60 9.08 -20.08
C CYS B 224 24.54 8.02 -19.85
N HIS B 225 23.35 8.49 -19.52
CA HIS B 225 22.19 7.66 -19.33
C HIS B 225 21.28 7.77 -20.56
N VAL B 226 21.14 6.67 -21.30
CA VAL B 226 20.27 6.65 -22.46
C VAL B 226 18.88 6.24 -22.03
N ILE B 227 17.92 7.10 -22.30
CA ILE B 227 16.55 6.93 -21.86
C ILE B 227 15.77 6.14 -22.89
N PRO B 228 15.27 4.95 -22.53
CA PRO B 228 14.61 4.11 -23.55
C PRO B 228 13.42 4.77 -24.23
N ARG B 229 13.24 4.51 -25.51
CA ARG B 229 12.01 4.84 -26.21
C ARG B 229 11.65 6.31 -26.07
N ALA B 230 12.66 7.15 -26.17
CA ALA B 230 12.44 8.58 -26.06
C ALA B 230 13.28 9.35 -27.05
N GLY B 231 12.72 10.45 -27.53
CA GLY B 231 13.43 11.41 -28.38
C GLY B 231 14.20 12.42 -27.58
N HIS B 232 14.42 13.58 -28.18
CA HIS B 232 15.26 14.61 -27.59
C HIS B 232 14.79 15.07 -26.22
N ASN B 233 13.50 15.38 -26.13
CA ASN B 233 12.89 15.70 -24.84
C ASN B 233 12.50 14.36 -24.17
N ALA B 234 13.49 13.72 -23.55
CA ALA B 234 13.27 12.38 -23.03
C ALA B 234 12.42 12.44 -21.76
N HIS B 235 12.56 13.48 -20.95
CA HIS B 235 11.79 13.53 -19.71
C HIS B 235 10.31 13.73 -20.00
N ARG B 236 9.97 14.38 -21.12
CA ARG B 236 8.56 14.55 -21.45
C ARG B 236 7.99 13.23 -21.95
N GLU B 237 8.77 12.49 -22.72
CA GLU B 237 8.27 11.31 -23.37
C GLU B 237 8.33 10.06 -22.48
N ASN B 238 9.34 10.00 -21.61
CA ASN B 238 9.54 8.87 -20.71
C ASN B 238 9.95 9.41 -19.31
N PRO B 239 9.01 10.06 -18.62
CA PRO B 239 9.33 10.63 -17.31
C PRO B 239 9.76 9.56 -16.32
N ALA B 240 9.16 8.38 -16.36
CA ALA B 240 9.54 7.36 -15.40
C ALA B 240 10.98 6.93 -15.61
N GLY B 241 11.42 6.85 -16.87
CA GLY B 241 12.79 6.49 -17.18
C GLY B 241 13.77 7.56 -16.70
N VAL B 242 13.41 8.82 -16.89
CA VAL B 242 14.27 9.91 -16.43
C VAL B 242 14.28 9.97 -14.89
N ILE B 243 13.15 9.75 -14.25
CA ILE B 243 13.15 9.71 -12.78
C ILE B 243 14.11 8.64 -12.27
N ALA B 244 14.08 7.46 -12.91
CA ALA B 244 14.96 6.37 -12.50
C ALA B 244 16.45 6.75 -12.65
N SER B 245 16.79 7.37 -13.77
CA SER B 245 18.18 7.79 -14.00
C SER B 245 18.60 8.87 -12.99
N LEU B 246 17.73 9.86 -12.75
CA LEU B 246 18.05 10.88 -11.76
C LEU B 246 18.23 10.25 -10.36
N ALA B 247 17.42 9.25 -10.01
CA ALA B 247 17.55 8.63 -8.70
C ALA B 247 18.88 7.93 -8.56
N GLN B 248 19.31 7.24 -9.62
CA GLN B 248 20.59 6.55 -9.60
C GLN B 248 21.74 7.53 -9.41
N ILE B 249 21.63 8.66 -10.10
CA ILE B 249 22.66 9.69 -10.05
C ILE B 249 22.73 10.33 -8.69
N LEU B 250 21.58 10.72 -8.16
CA LEU B 250 21.53 11.58 -6.98
C LEU B 250 21.74 10.84 -5.68
N ARG B 251 21.28 9.59 -5.64
CA ARG B 251 21.20 8.93 -4.36
C ARG B 251 22.41 8.04 -4.12
N PHE B 252 23.35 8.04 -5.06
CA PHE B 252 24.60 7.31 -4.87
C PHE B 252 25.84 8.22 -4.96
N ILE C 2 -8.35 21.32 3.62
N ILE C 2 8.12 -21.39 -3.88
CA ILE C 2 -7.73 20.00 3.75
CA ILE C 2 7.93 -19.96 -3.67
C ILE C 2 -8.80 18.93 3.95
C ILE C 2 7.45 -19.30 -4.96
N LEU C 3 -8.45 17.68 3.71
N LEU C 3 7.00 -18.06 -4.86
CA LEU C 3 -9.38 16.57 3.89
CA LEU C 3 6.55 -17.33 -6.05
C LEU C 3 -9.72 16.37 5.36
C LEU C 3 7.75 -16.92 -6.89
N HIS C 4 -10.98 16.08 5.66
N HIS C 4 7.59 -16.96 -8.21
CA HIS C 4 -11.34 15.74 7.02
CA HIS C 4 8.61 -16.41 -9.09
C HIS C 4 -10.72 14.41 7.40
C HIS C 4 8.69 -14.91 -8.92
N ALA C 5 -10.27 14.28 8.64
N ALA C 5 9.90 -14.37 -8.97
CA ALA C 5 -9.57 13.08 9.08
CA ALA C 5 10.10 -12.93 -8.82
C ALA C 5 -9.68 12.91 10.58
C ALA C 5 11.37 -12.43 -9.50
N GLN C 6 -9.40 11.69 11.05
N GLN C 6 11.44 -11.13 -9.72
CA GLN C 6 -9.24 11.41 12.47
CA GLN C 6 12.67 -10.46 -10.14
C GLN C 6 -7.81 10.96 12.74
C GLN C 6 13.14 -9.51 -9.03
N ALA C 7 -7.16 11.60 13.70
N ALA C 7 14.37 -9.70 -8.57
CA ALA C 7 -5.76 11.31 13.99
CA ALA C 7 14.94 -8.88 -7.52
C ALA C 7 -5.60 10.64 15.34
C ALA C 7 15.96 -7.87 -8.01
N LYS C 8 -4.74 9.62 15.38
N LYS C 8 15.90 -6.66 -7.43
CA LYS C 8 -4.36 8.94 16.61
CA LYS C 8 16.90 -5.62 -7.63
C LYS C 8 -2.84 8.96 16.73
C LYS C 8 17.39 -5.11 -6.27
N HIS C 9 -2.33 9.37 17.89
N HIS C 9 18.71 -5.13 -6.09
CA HIS C 9 -0.90 9.60 18.06
CA HIS C 9 19.32 -4.77 -4.82
C HIS C 9 -0.22 8.43 18.74
C HIS C 9 19.70 -3.30 -4.76
N GLY C 10 0.85 7.93 18.11
N GLY C 10 19.26 -2.63 -3.69
CA GLY C 10 1.62 6.82 18.63
CA GLY C 10 19.59 -1.24 -3.46
C GLY C 10 2.96 7.28 19.19
C GLY C 10 20.59 -1.08 -2.33
N LYS C 11 3.93 6.38 19.17
N LYS C 11 20.45 0.00 -1.60
CA LYS C 11 5.28 6.69 19.65
CA LYS C 11 21.37 0.33 -0.51
C LYS C 11 5.93 7.79 18.82
C LYS C 11 21.20 -0.63 0.66
N PRO C 12 6.66 8.72 19.47
N PRO C 12 22.32 -1.13 1.21
CA PRO C 12 7.35 9.74 18.70
CA PRO C 12 22.20 -2.00 2.38
C PRO C 12 8.41 9.11 17.80
C PRO C 12 21.53 -1.23 3.51
N GLY C 13 8.63 9.66 16.62
N GLY C 13 20.58 -1.85 4.20
CA GLY C 13 9.64 9.12 15.73
CA GLY C 13 19.95 -1.20 5.33
C GLY C 13 9.18 7.93 14.90
C GLY C 13 18.65 -0.49 4.97
N LEU C 14 8.23 7.13 15.40
N LEU C 14 18.48 -0.12 3.70
CA LEU C 14 7.63 6.09 14.57
CA LEU C 14 17.21 0.45 3.27
C LEU C 14 6.84 6.76 13.47
C LEU C 14 16.22 -0.69 3.07
N PRO C 15 6.78 6.13 12.27
N PRO C 15 14.91 -0.44 3.30
CA PRO C 15 6.05 6.76 11.17
CA PRO C 15 13.87 -1.46 3.16
C PRO C 15 4.54 6.80 11.40
C PRO C 15 13.72 -1.96 1.73
N TRP C 16 3.85 7.58 10.58
N TRP C 16 13.11 -3.13 1.59
CA TRP C 16 2.40 7.54 10.52
CA TRP C 16 12.64 -3.60 0.29
C TRP C 16 1.93 6.49 9.54
C TRP C 16 11.29 -3.02 -0.05
N LEU C 17 0.76 5.93 9.83
N LEU C 17 11.08 -2.79 -1.35
CA LEU C 17 0.00 5.13 8.88
CA LEU C 17 9.76 -2.51 -1.89
C LEU C 17 -1.19 5.94 8.44
C LEU C 17 9.27 -3.75 -2.62
N VAL C 18 -1.21 6.29 7.15
N VAL C 18 8.21 -4.37 -2.10
CA VAL C 18 -2.26 7.12 6.58
CA VAL C 18 7.66 -5.61 -2.63
C VAL C 18 -3.14 6.23 5.72
C VAL C 18 6.37 -5.30 -3.36
N PHE C 19 -4.39 6.09 6.13
N PHE C 19 6.39 -5.49 -4.67
CA PHE C 19 -5.34 5.14 5.53
CA PHE C 19 5.32 -5.07 -5.58
C PHE C 19 -6.37 5.80 4.64
C PHE C 19 4.45 -6.22 -6.04
N LEU C 20 -6.58 5.22 3.46
N LEU C 20 3.16 -6.04 -5.95
CA LEU C 20 -7.55 5.72 2.49
CA LEU C 20 2.21 -7.04 -6.40
C LEU C 20 -8.57 4.65 2.21
C LEU C 20 1.28 -6.48 -7.50
N HIS C 21 -9.82 5.00 2.47
N HIS C 21 1.31 -7.13 -8.65
CA HIS C 21 -10.97 4.12 2.24
CA HIS C 21 0.51 -6.76 -9.81
C HIS C 21 -11.32 4.02 0.76
C HIS C 21 -0.98 -7.13 -9.63
N GLY C 22 -12.34 3.22 0.47
N GLY C 22 -1.79 -6.77 -10.62
CA GLY C 22 -12.81 3.01 -0.88
CA GLY C 22 -3.20 -7.05 -10.62
C GLY C 22 -14.09 3.77 -1.17
C GLY C 22 -3.53 -8.26 -11.47
N PHE C 23 -14.64 3.59 -2.36
N PHE C 23 -4.82 -8.54 -11.64
CA PHE C 23 -15.82 4.34 -2.75
CA PHE C 23 -5.24 -9.69 -12.39
C PHE C 23 -17.01 4.03 -1.83
C PHE C 23 -4.85 -9.61 -13.86
N SER C 24 -17.66 5.10 -1.40
N SER C 24 -4.26 -10.70 -14.34
CA SER C 24 -18.83 5.09 -0.51
CA SER C 24 -3.73 -10.88 -15.70
C SER C 24 -18.45 4.87 0.95
C SER C 24 -2.39 -10.19 -15.90
N GLY C 25 -17.16 4.68 1.22
N GLY C 25 -1.90 -9.51 -14.87
CA GLY C 25 -16.70 4.50 2.59
CA GLY C 25 -0.60 -8.87 -14.93
C GLY C 25 -16.37 5.81 3.27
C GLY C 25 0.54 -9.81 -14.62
N ASP C 26 -15.84 5.72 4.49
N ASP C 26 1.74 -9.27 -14.54
CA ASP C 26 -15.36 6.90 5.20
CA ASP C 26 2.92 -10.03 -14.12
C ASP C 26 -14.15 6.53 6.05
C ASP C 26 3.91 -9.08 -13.44
N CYS C 27 -13.76 7.45 6.93
N CYS C 27 5.10 -9.60 -13.14
CA CYS C 27 -12.54 7.29 7.70
CA CYS C 27 6.06 -8.87 -12.34
C CYS C 27 -12.59 6.12 8.69
C CYS C 27 6.59 -7.60 -13.03
N HIS C 28 -13.78 5.53 8.90
N HIS C 28 6.28 -7.42 -14.31
CA HIS C 28 -13.89 4.40 9.82
CA HIS C 28 6.66 -6.20 -15.02
C HIS C 28 -13.48 3.08 9.17
C HIS C 28 5.75 -5.02 -14.68
N GLU C 29 -13.43 3.06 7.84
N GLU C 29 4.57 -5.30 -14.12
CA GLU C 29 -13.13 1.85 7.08
CA GLU C 29 3.54 -4.29 -13.90
C GLU C 29 -11.94 1.04 7.58
C GLU C 29 4.06 -3.02 -13.21
N TRP C 30 -10.82 1.70 7.84
N TRP C 30 4.79 -3.20 -12.14
CA TRP C 30 -9.56 1.03 8.19
CA TRP C 30 5.24 -2.08 -11.29
C TRP C 30 -9.26 0.96 9.69
C TRP C 30 6.66 -1.56 -11.58
N GLN C 31 -10.20 1.42 10.52
N GLN C 31 7.32 -2.11 -12.60
CA GLN C 31 -9.88 1.58 11.95
CA GLN C 31 8.74 -1.82 -12.79
C GLN C 31 -9.78 0.25 12.70
C GLN C 31 9.00 -0.40 -13.26
N GLU C 32 -10.61 -0.73 12.35
N GLU C 32 8.12 0.16 -14.08
CA GLU C 32 -10.50 -2.04 12.96
CA GLU C 32 8.30 1.53 -14.52
C GLU C 32 -9.09 -2.60 12.78
C GLU C 32 8.35 2.44 -13.29
N VAL C 33 -8.53 -2.40 11.59
N VAL C 33 7.46 2.18 -12.34
CA VAL C 33 -7.18 -2.86 11.29
CA VAL C 33 7.41 2.98 -11.12
C VAL C 33 -6.14 -1.91 11.88
C VAL C 33 8.52 2.60 -10.12
N GLY C 34 -6.32 -0.62 11.66
N GLY C 34 8.67 1.29 -9.88
CA GLY C 34 -5.28 0.34 11.97
CA GLY C 34 9.56 0.82 -8.85
C GLY C 34 -5.01 0.47 13.45
C GLY C 34 11.03 1.16 -9.08
N GLU C 35 -6.04 0.31 14.27
N GLU C 35 11.44 1.15 -10.34
CA GLU C 35 -5.88 0.46 15.70
CA GLU C 35 12.84 1.38 -10.66
C GLU C 35 -5.06 -0.67 16.33
C GLU C 35 13.25 2.84 -10.41
N ALA C 36 -4.83 -1.74 15.58
N ALA C 36 12.26 3.71 -10.22
CA ALA C 36 -3.93 -2.80 16.00
CA ALA C 36 12.52 5.08 -9.81
C ALA C 36 -2.50 -2.27 16.12
C ALA C 36 13.16 5.13 -8.44
N PHE C 37 -2.20 -1.22 15.36
N PHE C 37 12.93 4.09 -7.64
CA PHE C 37 -0.85 -0.69 15.30
CA PHE C 37 13.42 4.05 -6.28
C PHE C 37 -0.71 0.48 16.26
C PHE C 37 14.72 3.27 -6.21
N ALA C 38 -0.91 0.16 17.53
N ALA C 38 15.71 3.79 -6.94
CA ALA C 38 -1.05 1.12 18.60
CA ALA C 38 16.96 3.07 -7.19
C ALA C 38 0.21 1.95 18.81
C ALA C 38 17.76 2.79 -5.92
N ASP C 39 1.36 1.43 18.38
N ASP C 39 17.50 3.56 -4.87
CA ASP C 39 2.62 2.16 18.53
CA ASP C 39 18.22 3.37 -3.60
C ASP C 39 2.89 3.16 17.40
C ASP C 39 17.58 2.28 -2.73
N TYR C 40 2.27 2.97 16.25
N TYR C 40 16.32 1.97 -2.97
CA TYR C 40 2.33 3.93 15.15
CA TYR C 40 15.66 0.84 -2.28
C TYR C 40 1.33 5.04 15.38
C TYR C 40 15.96 -0.48 -2.98
N SER C 41 1.54 6.18 14.75
N SER C 41 15.76 -1.59 -2.29
CA SER C 41 0.47 7.17 14.63
CA SER C 41 15.71 -2.88 -2.96
C SER C 41 -0.39 6.75 13.44
C SER C 41 14.27 -3.08 -3.42
N ARG C 42 -1.68 7.06 13.52
N ARG C 42 14.10 -3.76 -4.55
CA ARG C 42 -2.65 6.69 12.47
CA ARG C 42 12.79 -3.98 -5.16
C ARG C 42 -3.43 7.92 12.02
C ARG C 42 12.56 -5.45 -5.45
N LEU C 43 -3.58 8.07 10.71
N LEU C 43 11.39 -5.95 -5.08
CA LEU C 43 -4.46 9.09 10.15
CA LEU C 43 11.01 -7.31 -5.45
C LEU C 43 -5.50 8.43 9.26
C LEU C 43 9.71 -7.27 -6.25
N TYR C 44 -6.77 8.60 9.62
N TYR C 44 9.79 -7.72 -7.50
CA TYR C 44 -7.89 8.03 8.89
CA TYR C 44 8.64 -7.77 -8.39
C TYR C 44 -8.56 9.14 8.08
C TYR C 44 8.09 -9.19 -8.45
N VAL C 45 -8.34 9.09 6.76
N VAL C 45 6.93 -9.41 -7.84
CA VAL C 45 -8.75 10.19 5.88
CA VAL C 45 6.38 -10.76 -7.64
C VAL C 45 -10.12 9.95 5.26
C VAL C 45 5.40 -11.14 -8.72
N ASP C 46 -10.91 11.03 5.18
N ASP C 46 5.47 -12.40 -9.15
CA ASP C 46 -12.11 11.05 4.36
CA ASP C 46 4.41 -13.01 -9.92
C ASP C 46 -11.78 11.65 2.99
C ASP C 46 3.47 -13.78 -9.01
N LEU C 47 -11.94 10.85 1.95
N LEU C 47 2.22 -13.35 -8.96
CA LEU C 47 -11.74 11.33 0.58
CA LEU C 47 1.22 -14.04 -8.18
C LEU C 47 -12.81 12.34 0.21
C LEU C 47 0.93 -15.41 -8.78
N PRO C 48 -12.50 13.24 -0.74
N PRO C 48 0.42 -16.35 -7.98
CA PRO C 48 -13.50 14.18 -1.23
CA PRO C 48 0.01 -17.65 -8.50
C PRO C 48 -14.81 13.46 -1.55
C PRO C 48 -0.86 -17.50 -9.75
N GLY C 49 -15.93 14.07 -1.18
N GLY C 49 -0.62 -18.33 -10.75
CA GLY C 49 -17.23 13.53 -1.46
CA GLY C 49 -1.39 -18.33 -11.97
C GLY C 49 -17.69 12.47 -0.49
C GLY C 49 -0.94 -17.30 -13.01
N HIS C 50 -16.85 12.18 0.51
N HIS C 50 0.03 -16.47 -12.63
CA HIS C 50 -17.12 11.13 1.51
CA HIS C 50 0.48 -15.35 -13.45
C HIS C 50 -16.98 11.66 2.93
C HIS C 50 1.98 -15.44 -13.68
N GLY C 51 -17.78 11.08 3.85
N GLY C 51 2.44 -14.94 -14.83
CA GLY C 51 -17.70 11.41 5.26
CA GLY C 51 3.86 -14.87 -15.12
C GLY C 51 -17.68 12.91 5.52
C GLY C 51 4.58 -16.18 -14.90
N GLY C 52 -16.70 13.36 6.30
N GLY C 52 5.72 -16.13 -14.24
CA GLY C 52 -16.58 14.76 6.62
CA GLY C 52 6.48 -17.33 -13.94
C GLY C 52 -16.01 15.59 5.49
C GLY C 52 5.88 -18.20 -12.84
N SER C 53 -15.60 14.94 4.41
N SER C 53 4.84 -17.71 -12.18
CA SER C 53 -15.07 15.66 3.25
CA SER C 53 4.15 -18.49 -11.14
C SER C 53 -16.10 15.79 2.12
C SER C 53 2.89 -19.18 -11.68
N ALA C 54 -17.36 15.52 2.44
N ALA C 54 2.76 -19.27 -13.00
CA ALA C 54 -18.42 15.51 1.42
CA ALA C 54 1.58 -19.84 -13.62
C ALA C 54 -18.46 16.81 0.61
C ALA C 54 1.23 -21.21 -13.07
N ALA C 55 -18.32 17.94 1.28
N ALA C 55 2.25 -22.04 -12.86
CA ALA C 55 -18.44 19.25 0.66
CA ALA C 55 2.04 -23.45 -12.49
C ALA C 55 -17.20 19.63 -0.17
C ALA C 55 1.76 -23.60 -10.99
N ILE C 56 -16.15 18.82 -0.06
N ILE C 56 1.82 -22.49 -10.26
CA ILE C 56 -14.93 19.04 -0.84
CA ILE C 56 1.53 -22.48 -8.84
C ILE C 56 -15.08 18.40 -2.21
C ILE C 56 0.04 -22.26 -8.61
N SER C 57 -15.06 19.24 -3.25
N SER C 57 -0.63 -23.28 -8.08
CA SER C 57 -15.20 18.77 -4.62
CA SER C 57 -2.07 -23.20 -7.83
C SER C 57 -13.87 18.78 -5.35
C SER C 57 -2.35 -22.93 -6.36
N VAL C 58 -13.65 17.79 -6.21
N VAL C 58 -3.43 -22.22 -6.09
CA VAL C 58 -12.44 17.71 -7.03
CA VAL C 58 -3.84 -21.91 -4.71
C VAL C 58 -12.79 17.45 -8.50
C VAL C 58 -5.35 -22.10 -4.55
N ASP C 59 -11.90 17.90 -9.39
N ASP C 59 -5.78 -22.39 -3.32
CA ASP C 59 -12.06 17.65 -10.82
CA ASP C 59 -7.20 -22.56 -3.04
C ASP C 59 -11.35 16.38 -11.25
C ASP C 59 -7.83 -21.27 -2.56
N GLY C 60 -10.51 15.86 -10.37
N GLY C 60 -6.99 -20.31 -2.17
CA GLY C 60 -9.74 14.67 -10.70
CA GLY C 60 -7.49 -19.06 -1.62
C GLY C 60 -8.63 14.38 -9.70
C GLY C 60 -6.39 -18.20 -1.04
N PHE C 61 -7.71 13.53 -10.12
N PHE C 61 -6.80 -17.19 -0.29
CA PHE C 61 -6.66 13.02 -9.24
CA PHE C 61 -5.90 -16.19 0.25
C PHE C 61 -5.62 14.06 -8.87
C PHE C 61 -4.94 -16.71 1.33
N ASP C 62 -5.31 14.98 -9.77
N ASP C 62 -5.36 -17.64 2.16
CA ASP C 62 -4.35 16.02 -9.44
CA ASP C 62 -4.45 -18.20 3.15
C ASP C 62 -4.81 16.77 -8.20
C ASP C 62 -3.21 -18.75 2.46
N ASP C 63 -6.10 17.09 -8.16
N ASP C 63 -3.43 -19.47 1.37
CA ASP C 63 -6.67 17.82 -7.04
CA ASP C 63 -2.36 -20.06 0.59
C ASP C 63 -6.62 16.98 -5.78
C ASP C 63 -1.46 -18.98 0.00
N VAL C 64 -6.79 15.67 -5.94
N VAL C 64 -2.06 -17.89 -0.45
CA VAL C 64 -6.76 14.76 -4.80
CA VAL C 64 -1.30 -16.78 -1.04
C VAL C 64 -5.34 14.67 -4.24
C VAL C 64 -0.46 -16.09 0.03
N THR C 65 -4.35 14.49 -5.12
N THR C 65 -1.05 -15.84 1.19
CA THR C 65 -2.95 14.46 -4.69
CA THR C 65 -0.32 -15.22 2.30
C THR C 65 -2.59 15.76 -3.98
C THR C 65 0.86 -16.12 2.69
N ASP C 66 -3.08 16.88 -4.51
N ASP C 66 0.63 -17.44 2.72
CA ASP C 66 -2.86 18.19 -3.89
CA ASP C 66 1.69 -18.40 3.03
C ASP C 66 -3.44 18.25 -2.48
C ASP C 66 2.84 -18.33 2.03
N LEU C 67 -4.69 17.81 -2.33
N LEU C 67 2.49 -18.29 0.74
CA LEU C 67 -5.36 17.82 -1.02
CA LEU C 67 3.48 -18.17 -0.33
C LEU C 67 -4.66 16.89 -0.04
C LEU C 67 4.24 -16.85 -0.25
N LEU C 68 -4.21 15.74 -0.51
N LEU C 68 3.55 -15.78 0.07
CA LEU C 68 -3.48 14.80 0.32
CA LEU C 68 4.18 -14.48 0.22
C LEU C 68 -2.20 15.46 0.84
C LEU C 68 5.21 -14.54 1.35
N ARG C 69 -1.44 16.10 -0.04
N ARG C 69 4.82 -15.14 2.47
CA ARG C 69 -0.20 16.77 0.33
CA ARG C 69 5.72 -15.29 3.61
C ARG C 69 -0.45 17.81 1.42
C ARG C 69 6.99 -16.06 3.25
N LYS C 70 -1.50 18.62 1.23
N LYS C 70 6.83 -17.19 2.57
CA LYS C 70 -1.86 19.66 2.19
CA LYS C 70 7.97 -18.02 2.18
C LYS C 70 -2.23 19.07 3.54
C LYS C 70 8.91 -17.28 1.23
N THR C 71 -2.87 17.91 3.51
N THR C 71 8.33 -16.49 0.34
CA THR C 71 -3.35 17.26 4.73
CA THR C 71 9.09 -15.75 -0.68
C THR C 71 -2.17 16.72 5.54
C THR C 71 9.96 -14.68 -0.01
N LEU C 72 -1.21 16.13 4.83
N LEU C 72 9.40 -13.99 0.98
CA LEU C 72 0.01 15.67 5.47
CA LEU C 72 10.15 -12.99 1.72
C LEU C 72 0.71 16.82 6.18
C LEU C 72 11.39 -13.63 2.37
N VAL C 73 0.76 17.98 5.54
N VAL C 73 11.21 -14.82 2.94
CA VAL C 73 1.37 19.18 6.12
CA VAL C 73 12.31 -15.55 3.59
C VAL C 73 0.64 19.59 7.39
C VAL C 73 13.41 -15.92 2.60
N SER C 74 -0.69 19.65 7.31
N SER C 74 13.01 -16.42 1.44
CA SER C 74 -1.50 20.13 8.43
CA SER C 74 13.95 -16.87 0.43
C SER C 74 -1.34 19.28 9.69
C SER C 74 14.86 -15.72 -0.04
N TYR C 75 -1.00 18.01 9.52
N TYR C 75 14.31 -14.51 -0.06
CA TYR C 75 -0.82 17.12 10.65
CA TYR C 75 15.06 -13.32 -0.47
C TYR C 75 0.65 16.88 10.97
C TYR C 75 15.67 -12.55 0.70
N ASN C 76 1.54 17.62 10.29
N ASN C 76 15.58 -13.11 1.91
CA ASN C 76 2.96 17.56 10.57
CA ASN C 76 16.14 -12.47 3.11
C ASN C 76 3.55 16.18 10.28
C ASN C 76 15.56 -11.08 3.39
N ILE C 77 3.00 15.51 9.26
N ILE C 77 14.26 -10.93 3.15
CA ILE C 77 3.47 14.18 8.92
CA ILE C 77 13.63 -9.63 3.37
C ILE C 77 4.71 14.28 8.03
C ILE C 77 13.18 -9.53 4.82
N LEU C 78 5.83 13.85 8.58
N LEU C 78 13.81 -8.62 5.54
CA LEU C 78 7.12 13.90 7.89
CA LEU C 78 13.59 -8.43 6.97
C LEU C 78 7.56 12.51 7.46
C LEU C 78 12.86 -7.13 7.21
N ASP C 79 6.86 11.52 8.01
N ASP C 79 12.82 -6.30 6.17
CA ASP C 79 7.30 10.14 7.96
CA ASP C 79 12.40 -4.93 6.29
C ASP C 79 6.05 9.26 7.90
C ASP C 79 11.74 -4.53 4.96
N PHE C 80 5.77 8.60 6.77
N PHE C 80 10.43 -4.31 4.93
CA PHE C 80 4.51 7.83 6.68
CA PHE C 80 9.79 -4.01 3.62
C PHE C 80 4.44 6.74 5.62
C PHE C 80 8.45 -3.29 3.67
N TRP C 81 3.60 5.75 5.92
N TRP C 81 8.16 -2.63 2.55
CA TRP C 81 3.13 4.78 4.94
CA TRP C 81 6.84 -2.08 2.26
C TRP C 81 1.75 5.18 4.46
C TRP C 81 6.16 -3.01 1.27
N LEU C 82 1.48 4.95 3.17
N LEU C 82 4.85 -3.21 1.43
CA LEU C 82 0.16 5.21 2.60
CA LEU C 82 4.05 -3.99 0.47
C LEU C 82 -0.51 3.89 2.29
C LEU C 82 3.18 -3.09 -0.35
N VAL C 83 -1.68 3.66 2.90
N VAL C 83 3.35 -3.17 -1.68
CA VAL C 83 -2.43 2.41 2.81
CA VAL C 83 2.68 -2.31 -2.63
C VAL C 83 -3.82 2.72 2.22
C VAL C 83 1.90 -3.15 -3.62
N GLY C 84 -4.13 2.14 1.07
N GLY C 84 0.57 -3.00 -3.66
CA GLY C 84 -5.40 2.41 0.39
CA GLY C 84 -0.28 -3.83 -4.49
C GLY C 84 -6.11 1.16 -0.08
C GLY C 84 -1.29 -3.04 -5.31
N TYR C 85 -7.43 1.13 0.11
N TYR C 85 -1.45 -3.44 -6.57
CA TYR C 85 -8.31 0.07 -0.37
CA TYR C 85 -2.46 -2.88 -7.47
C TYR C 85 -9.09 0.54 -1.61
C TYR C 85 -3.63 -3.84 -7.62
N SER C 86 -8.99 -0.19 -2.72
N SER C 86 -4.84 -3.36 -7.33
CA SER C 86 -9.84 -0.01 -3.89
CA SER C 86 -6.08 -4.07 -7.62
C SER C 86 -9.65 1.43 -4.46
C SER C 86 -6.12 -5.44 -6.88
N LEU C 87 -10.70 2.24 -4.54
N LEU C 87 -6.18 -6.56 -7.59
CA LEU C 87 -10.53 3.63 -4.98
CA LEU C 87 -6.11 -7.86 -6.93
C LEU C 87 -9.40 4.31 -4.19
C LEU C 87 -4.88 -7.92 -6.00
N GLY C 88 -9.38 4.06 -2.89
N GLY C 88 -3.77 -7.36 -6.45
CA GLY C 88 -8.30 4.53 -2.04
CA GLY C 88 -2.56 -7.29 -5.66
C GLY C 88 -6.93 4.03 -2.45
C GLY C 88 -2.73 -6.46 -4.41
N GLY C 89 -6.87 2.81 -2.96
N GLY C 89 -3.55 -5.42 -4.49
CA GLY C 89 -5.64 2.28 -3.52
CA GLY C 89 -3.91 -4.66 -3.30
C GLY C 89 -5.22 3.00 -4.79
C GLY C 89 -4.75 -5.48 -2.34
N ARG C 90 -6.21 3.31 -5.65
N ARG C 90 -5.65 -6.30 -2.87
CA ARG C 90 -5.95 4.01 -6.91
CA ARG C 90 -6.51 -7.15 -2.06
C ARG C 90 -5.44 5.41 -6.63
C ARG C 90 -5.65 -8.23 -1.39
N VAL C 91 -6.08 6.09 -5.68
N VAL C 91 -4.74 -8.83 -2.15
CA VAL C 91 -5.63 7.41 -5.22
CA VAL C 91 -3.78 -9.77 -1.58
C VAL C 91 -4.21 7.35 -4.69
C VAL C 91 -2.94 -9.13 -0.48
N ALA C 92 -3.90 6.31 -3.92
N ALA C 92 -2.48 -7.90 -0.71
CA ALA C 92 -2.57 6.16 -3.33
CA ALA C 92 -1.66 -7.20 0.25
C ALA C 92 -1.51 5.97 -4.41
C ALA C 92 -2.41 -6.94 1.55
N MET C 93 -1.79 5.10 -5.38
N MET C 93 -3.67 -6.51 1.44
CA MET C 93 -0.86 4.85 -6.47
CA MET C 93 -4.49 -6.21 2.62
C MET C 93 -0.61 6.09 -7.30
C MET C 93 -4.78 -7.47 3.42
N MET C 94 -1.68 6.83 -7.61
N MET C 94 -5.09 -8.56 2.73
CA MET C 94 -1.57 8.08 -8.34
CA MET C 94 -5.33 -9.84 3.37
C MET C 94 -0.71 9.07 -7.57
C MET C 94 -4.08 -10.29 4.12
N ALA C 95 -1.01 9.24 -6.29
N ALA C 95 -2.94 -10.23 3.44
CA ALA C 95 -0.31 10.21 -5.45
CA ALA C 95 -1.68 -10.67 4.02
C ALA C 95 1.17 9.85 -5.30
C ALA C 95 -1.28 -9.81 5.22
N ALA C 96 1.44 8.57 -5.06
N ALA C 96 -1.42 -8.49 5.10
CA ALA C 96 2.82 8.11 -4.86
CA ALA C 96 -1.02 -7.58 6.17
C ALA C 96 3.65 8.32 -6.14
C ALA C 96 -1.88 -7.78 7.43
N CYS C 97 3.06 8.01 -7.28
N CYS C 97 -3.19 -7.98 7.23
CA CYS C 97 3.76 8.13 -8.56
CA CYS C 97 -4.10 -8.15 8.36
C CYS C 97 4.05 9.59 -8.88
C CYS C 97 -3.85 -9.45 9.09
N GLN C 98 3.16 10.48 -8.42
N GLN C 98 -3.44 -10.47 8.33
CA GLN C 98 3.31 11.90 -8.69
CA GLN C 98 -3.13 -11.78 8.90
C GLN C 98 4.29 12.55 -7.71
C GLN C 98 -1.76 -11.80 9.58
N GLY C 99 4.45 11.96 -6.53
N GLY C 99 -0.84 -10.93 9.14
CA GLY C 99 5.47 12.37 -5.56
CA GLY C 99 0.46 -10.76 9.78
C GLY C 99 4.90 12.79 -4.22
C GLY C 99 1.67 -11.03 8.89
N LEU C 100 5.34 12.10 -3.16
N LEU C 100 2.51 -10.00 8.77
CA LEU C 100 4.97 12.44 -1.79
CA LEU C 100 3.77 -10.08 8.03
C LEU C 100 6.22 12.52 -0.92
C LEU C 100 4.94 -9.53 8.86
N ALA C 101 6.27 13.52 -0.03
N ALA C 101 6.01 -10.31 8.98
CA ALA C 101 7.44 13.72 0.82
CA ALA C 101 7.21 -9.90 9.74
C ALA C 101 7.41 12.78 2.01
C ALA C 101 8.00 -8.80 9.03
N GLY C 102 8.53 12.13 2.28
N GLY C 102 8.30 -7.71 9.72
CA GLY C 102 8.66 11.27 3.45
CA GLY C 102 9.16 -6.69 9.14
C GLY C 102 7.88 9.96 3.36
C GLY C 102 8.41 -5.68 8.29
N LEU C 103 7.66 9.48 2.14
N LEU C 103 7.09 -5.74 8.32
CA LEU C 103 6.89 8.26 1.91
CA LEU C 103 6.28 -4.86 7.48
C LEU C 103 7.73 7.00 2.15
C LEU C 103 6.34 -3.38 7.94
N CYS C 104 7.44 6.29 3.23
N CYS C 104 6.80 -2.50 7.05
CA CYS C 104 8.13 5.03 3.53
CA CYS C 104 6.88 -1.08 7.39
C CYS C 104 7.77 3.96 2.53
C CYS C 104 5.61 -0.36 7.06
N GLY C 105 6.50 3.93 2.16
N GLY C 105 4.92 -0.84 6.03
CA GLY C 105 6.01 2.89 1.27
CA GLY C 105 3.67 -0.24 5.63
C GLY C 105 4.53 3.06 1.00
C GLY C 105 3.08 -0.98 4.46
N VAL C 106 4.05 2.30 0.02
N VAL C 106 1.80 -0.72 4.21
CA VAL C 106 2.65 2.34 -0.35
CA VAL C 106 1.10 -1.31 3.08
C VAL C 106 2.13 0.91 -0.35
C VAL C 106 0.54 -0.15 2.28
N ILE C 107 1.00 0.72 0.33
N ILE C 107 0.77 -0.20 0.97
CA ILE C 107 0.34 -0.56 0.41
CA ILE C 107 0.26 0.80 0.05
C ILE C 107 -1.06 -0.43 -0.18
C ILE C 107 -0.58 0.09 -0.99
N VAL C 108 -1.31 -1.18 -1.24
N VAL C 108 -1.86 0.45 -1.06
CA VAL C 108 -2.55 -1.10 -2.00
CA VAL C 108 -2.84 -0.23 -1.90
C VAL C 108 -3.34 -2.40 -1.87
C VAL C 108 -3.38 0.73 -2.96
N GLU C 109 -4.60 -2.28 -1.48
N GLU C 109 -3.35 0.29 -4.21
CA GLU C 109 -5.52 -3.42 -1.45
CA GLU C 109 -3.90 1.05 -5.32
C GLU C 109 -6.57 -3.30 -2.54
C GLU C 109 -5.14 0.33 -5.86
N GLY C 110 -6.48 -4.17 -3.54
N GLY C 110 -6.31 0.91 -5.60
CA GLY C 110 -7.46 -4.21 -4.61
CA GLY C 110 -7.55 0.40 -6.15
C GLY C 110 -7.57 -2.93 -5.43
C GLY C 110 -7.89 -1.01 -5.70
N GLY C 111 -6.46 -2.23 -5.59
N GLY C 111 -7.52 -1.35 -4.47
CA GLY C 111 -6.42 -1.02 -6.39
CA GLY C 111 -7.84 -2.64 -3.88
C GLY C 111 -6.00 -1.32 -7.82
C GLY C 111 -9.11 -2.57 -3.05
N HIS C 112 -6.77 -0.82 -8.78
N HIS C 112 -10.03 -3.51 -3.29
CA HIS C 112 -6.51 -1.09 -10.21
CA HIS C 112 -11.32 -3.54 -2.62
C HIS C 112 -5.38 -0.18 -10.72
C HIS C 112 -11.19 -4.13 -1.22
N PRO C 113 -4.32 -0.77 -11.30
N PRO C 113 -11.65 -3.39 -0.19
CA PRO C 113 -3.21 0.04 -11.76
CA PRO C 113 -11.50 -3.91 1.18
C PRO C 113 -3.54 0.90 -12.97
C PRO C 113 -12.49 -5.03 1.50
N GLY C 114 -4.66 0.58 -13.63
N GLY C 114 -13.51 -5.17 0.64
CA GLY C 114 -5.17 1.36 -14.73
CA GLY C 114 -14.43 -6.29 0.71
C GLY C 114 -5.44 0.54 -15.98
C GLY C 114 -15.91 -5.93 0.56
N LEU C 115 -6.56 0.83 -16.63
N LEU C 115 -16.68 -6.84 -0.03
CA LEU C 115 -6.91 0.20 -17.91
CA LEU C 115 -18.13 -6.65 -0.12
C LEU C 115 -5.84 0.44 -19.00
C LEU C 115 -18.78 -6.86 1.24
N GLN C 116 -5.99 -0.22 -20.13
N GLN C 116 -19.99 -6.35 1.43
CA GLN C 116 -4.93 -0.28 -21.14
CA GLN C 116 -20.58 -6.26 2.77
C GLN C 116 -5.40 -0.05 -22.58
C GLN C 116 -21.90 -6.98 2.93
N ASN C 117 -6.66 0.33 -22.77
N ASN C 117 -22.30 -7.74 1.92
CA ASN C 117 -7.13 0.73 -24.10
CA ASN C 117 -23.44 -8.63 2.06
C ASN C 117 -8.38 1.59 -24.00
C ASN C 117 -23.34 -9.84 1.13
N ALA C 118 -8.72 2.27 -25.09
N ALA C 118 -24.17 -10.84 1.39
CA ALA C 118 -9.83 3.22 -25.09
CA ALA C 118 -24.13 -12.09 0.65
C ALA C 118 -11.19 2.50 -25.03
C ALA C 118 -24.65 -11.89 -0.77
N GLU C 119 -11.23 1.23 -25.41
N GLU C 119 -25.51 -10.90 -0.94
CA GLU C 119 -12.47 0.47 -25.41
CA GLU C 119 -26.11 -10.63 -2.24
C GLU C 119 -12.91 0.09 -23.99
C GLU C 119 -25.07 -10.10 -3.24
N GLN C 120 -11.93 -0.21 -23.15
N GLN C 120 -24.25 -9.16 -2.77
CA GLN C 120 -12.19 -0.51 -21.75
CA GLN C 120 -23.14 -8.65 -3.59
C GLN C 120 -12.58 0.76 -21.00
C GLN C 120 -22.15 -9.75 -3.93
N ARG C 121 -11.93 1.86 -21.36
N ARG C 121 -21.89 -10.60 -2.94
CA ARG C 121 -12.19 3.14 -20.73
CA ARG C 121 -20.96 -11.72 -3.11
C ARG C 121 -13.55 3.69 -21.14
C ARG C 121 -21.50 -12.72 -4.11
N ALA C 122 -13.93 3.44 -22.40
N ALA C 122 -22.81 -12.98 -4.04
CA ALA C 122 -15.25 3.79 -22.87
CA ALA C 122 -23.45 -13.87 -4.99
C ALA C 122 -16.27 2.94 -22.14
C ALA C 122 -23.35 -13.30 -6.40
N GLU C 123 -15.97 1.65 -22.00
N GLU C 123 -23.59 -12.00 -6.51
CA GLU C 123 -16.85 0.72 -21.31
CA GLU C 123 -23.51 -11.30 -7.78
C GLU C 123 -17.02 1.10 -19.84
C GLU C 123 -22.09 -11.31 -8.34
N ARG C 124 -15.92 1.43 -19.17
N ARG C 124 -21.10 -11.04 -7.49
CA ARG C 124 -15.99 1.78 -17.76
CA ARG C 124 -19.72 -11.02 -7.96
C ARG C 124 -16.63 3.16 -17.56
C ARG C 124 -19.26 -12.44 -8.31
N GLN C 125 -16.38 4.06 -18.50
N GLN C 125 -19.70 -13.41 -7.53
CA GLN C 125 -16.95 5.40 -18.42
CA GLN C 125 -19.37 -14.82 -7.78
C GLN C 125 -18.46 5.32 -18.55
C GLN C 125 -19.92 -15.22 -9.14
N ARG C 126 -18.92 4.46 -19.46
N ARG C 126 -21.15 -14.74 -9.43
CA ARG C 126 -20.35 4.23 -19.63
CA ARG C 126 -21.78 -15.05 -10.70
C ARG C 126 -20.97 3.64 -18.36
C ARG C 126 -20.98 -14.44 -11.85
N SER C 127 -20.26 2.72 -17.72
N SER C 127 -20.55 -13.20 -11.69
CA SER C 127 -20.78 2.09 -16.52
CA SER C 127 -19.77 -12.55 -12.74
C SER C 127 -20.85 3.09 -15.38
C SER C 127 -18.42 -13.23 -12.90
N ASP C 128 -19.75 3.84 -15.18
N ASP C 128 -17.77 -13.51 -11.78
CA ASP C 128 -19.69 4.80 -14.10
CA ASP C 128 -16.46 -14.14 -11.82
C ASP C 128 -20.74 5.89 -14.31
C ASP C 128 -16.57 -15.53 -12.42
N ARG C 129 -20.99 6.24 -15.57
N ARG C 129 -17.67 -16.21 -12.15
CA ARG C 129 -22.05 7.18 -15.92
CA ARG C 129 -17.96 -17.51 -12.77
C ARG C 129 -23.41 6.68 -15.45
C ARG C 129 -17.96 -17.37 -14.28
N GLN C 130 -23.65 5.39 -15.68
N GLN C 130 -18.63 -16.32 -14.73
CA GLN C 130 -24.88 4.75 -15.26
CA GLN C 130 -18.79 -16.03 -16.15
C GLN C 130 -25.03 4.77 -13.73
C GLN C 130 -17.45 -15.73 -16.80
N TRP C 131 -23.94 4.54 -13.01
N TRP C 131 -16.62 -14.95 -16.12
CA TRP C 131 -23.99 4.57 -11.55
CA TRP C 131 -15.27 -14.67 -16.63
C TRP C 131 -24.16 5.99 -11.04
C TRP C 131 -14.39 -15.92 -16.63
N VAL C 132 -23.47 6.93 -11.67
N VAL C 132 -14.46 -16.70 -15.56
CA VAL C 132 -23.53 8.32 -11.26
CA VAL C 132 -13.67 -17.92 -15.46
C VAL C 132 -24.97 8.80 -11.28
C VAL C 132 -13.94 -18.81 -16.66
N GLN C 133 -25.70 8.41 -12.32
N GLN C 133 -15.21 -18.92 -17.05
CA GLN C 133 -27.12 8.76 -12.44
CA GLN C 133 -15.58 -19.72 -18.19
C GLN C 133 -27.92 8.26 -11.25
C GLN C 133 -14.93 -19.24 -19.48
N ARG C 134 -27.71 6.99 -10.90
N ARG C 134 -14.89 -17.92 -19.69
CA ARG C 134 -28.44 6.35 -9.81
CA ARG C 134 -14.28 -17.39 -20.90
C ARG C 134 -28.20 7.06 -8.46
C ARG C 134 -12.78 -17.65 -20.97
N PHE C 135 -26.94 7.32 -8.13
N PHE C 135 -12.08 -17.45 -19.86
CA PHE C 135 -26.62 7.95 -6.85
CA PHE C 135 -10.64 -17.60 -19.85
C PHE C 135 -27.25 9.33 -6.71
C PHE C 135 -10.19 -19.05 -20.12
N LEU C 136 -27.46 10.01 -7.83
N LEU C 136 -11.06 -20.02 -19.86
CA LEU C 136 -28.05 11.35 -7.83
CA LEU C 136 -10.72 -21.43 -20.11
C LEU C 136 -29.54 11.36 -7.54
C LEU C 136 -10.91 -21.93 -21.53
N THR C 137 -30.26 10.33 -7.98
N THR C 137 -11.72 -21.24 -22.33
CA THR C 137 -31.72 10.39 -8.06
CA THR C 137 -12.19 -21.82 -23.58
C THR C 137 -32.48 9.28 -7.33
C THR C 137 -12.10 -20.89 -24.78
N GLU C 138 -31.77 8.23 -6.92
N GLU C 138 -11.83 -19.60 -24.53
CA GLU C 138 -32.42 7.07 -6.31
CA GLU C 138 -11.87 -18.63 -25.61
C GLU C 138 -32.03 6.93 -4.84
C GLU C 138 -10.48 -18.03 -25.80
N PRO C 139 -32.96 6.45 -3.99
N PRO C 139 -10.17 -17.60 -27.03
CA PRO C 139 -32.60 6.18 -2.60
CA PRO C 139 -8.92 -16.85 -27.22
C PRO C 139 -31.46 5.17 -2.51
C PRO C 139 -8.91 -15.55 -26.42
N LEU C 140 -30.48 5.47 -1.67
N LEU C 140 -7.80 -15.29 -25.73
CA LEU C 140 -29.22 4.74 -1.69
CA LEU C 140 -7.70 -14.17 -24.81
C LEU C 140 -29.36 3.27 -1.27
C LEU C 140 -7.79 -12.80 -25.45
N THR C 141 -30.36 2.97 -0.46
N THR C 141 -7.45 -12.67 -26.72
CA THR C 141 -30.61 1.58 -0.05
CA THR C 141 -7.57 -11.38 -27.39
C THR C 141 -30.86 0.71 -1.27
C THR C 141 -9.03 -10.95 -27.40
N ALA C 142 -31.50 1.29 -2.28
N ALA C 142 -9.93 -11.92 -27.50
CA ALA C 142 -31.78 0.57 -3.52
CA ALA C 142 -11.36 -11.66 -27.46
C ALA C 142 -30.53 0.52 -4.41
C ALA C 142 -11.86 -11.41 -26.03
N VAL C 143 -29.81 1.62 -4.47
N VAL C 143 -11.39 -12.22 -25.09
CA VAL C 143 -28.60 1.67 -5.29
CA VAL C 143 -11.83 -12.10 -23.71
C VAL C 143 -27.54 0.70 -4.75
C VAL C 143 -11.38 -10.74 -23.13
N PHE C 144 -27.31 0.72 -3.44
N PHE C 144 -10.13 -10.37 -23.38
CA PHE C 144 -26.23 -0.10 -2.87
CA PHE C 144 -9.59 -9.13 -22.81
C PHE C 144 -26.60 -1.59 -2.82
C PHE C 144 -10.16 -7.89 -23.49
N ALA C 145 -27.88 -1.92 -2.86
N ALA C 145 -10.58 -8.00 -24.75
CA ALA C 145 -28.27 -3.32 -3.00
CA ALA C 145 -11.26 -6.89 -25.39
C ALA C 145 -27.72 -3.88 -4.32
C ALA C 145 -12.52 -6.52 -24.60
N ASP C 146 -27.81 -3.10 -5.39
N ASP C 146 -13.21 -7.52 -24.07
CA ASP C 146 -27.29 -3.54 -6.68
CA ASP C 146 -14.39 -7.27 -23.25
C ASP C 146 -25.78 -3.40 -6.76
C ASP C 146 -14.01 -6.91 -21.81
N TRP C 147 -25.25 -2.33 -6.16
N TRP C 147 -12.97 -7.56 -21.31
CA TRP C 147 -23.81 -2.09 -6.13
CA TRP C 147 -12.47 -7.29 -19.96
C TRP C 147 -23.03 -3.30 -5.63
C TRP C 147 -12.26 -5.80 -19.72
N TYR C 148 -23.51 -3.90 -4.54
N TYR C 148 -11.60 -5.15 -20.67
CA TYR C 148 -22.83 -5.05 -3.95
CA TYR C 148 -11.25 -3.74 -20.54
C TYR C 148 -23.24 -6.35 -4.59
C TYR C 148 -12.38 -2.81 -20.97
N GLN C 149 -23.90 -6.25 -5.75
N GLN C 149 -13.57 -3.38 -21.14
CA GLN C 149 -24.19 -7.40 -6.59
CA GLN C 149 -14.79 -2.59 -21.35
C GLN C 149 -23.26 -7.43 -7.81
C GLN C 149 -15.69 -2.58 -20.11
N GLN C 150 -22.40 -6.42 -7.96
N GLN C 150 -15.25 -3.25 -19.04
CA GLN C 150 -21.42 -6.41 -9.04
CA GLN C 150 -15.96 -3.20 -17.76
C GLN C 150 -20.49 -7.63 -8.98
C GLN C 150 -16.04 -1.78 -17.21
N PRO C 151 -19.85 -7.98 -10.12
N PRO C 151 -17.01 -1.51 -16.32
CA PRO C 151 -18.89 -9.10 -10.18
CA PRO C 151 -17.20 -0.18 -15.71
C PRO C 151 -17.81 -9.07 -9.11
C PRO C 151 -15.92 0.41 -15.08
N VAL C 152 -17.28 -7.89 -8.78
N VAL C 152 -15.10 -0.42 -14.44
CA VAL C 152 -16.18 -7.81 -7.81
CA VAL C 152 -13.91 0.08 -13.78
C VAL C 152 -16.67 -8.13 -6.40
C VAL C 152 -12.87 0.56 -14.79
N PHE C 153 -17.99 -8.07 -6.19
N PHE C 153 -13.01 0.13 -16.05
CA PHE C 153 -18.58 -8.33 -4.88
CA PHE C 153 -12.07 0.49 -17.11
C PHE C 153 -19.41 -9.61 -4.86
C PHE C 153 -12.71 1.37 -18.18
N ALA C 154 -19.29 -10.42 -5.92
N ALA C 154 -13.91 1.88 -17.90
CA ALA C 154 -20.06 -11.66 -6.05
CA ALA C 154 -14.63 2.74 -18.83
C ALA C 154 -19.74 -12.65 -4.92
C ALA C 154 -13.83 3.97 -19.22
N SER C 155 -18.54 -12.52 -4.35
N SER C 155 -12.99 4.44 -18.31
CA SER C 155 -18.12 -13.46 -3.30
CA SER C 155 -12.26 5.69 -18.52
C SER C 155 -18.91 -13.31 -2.01
C SER C 155 -11.20 5.56 -19.61
N LEU C 156 -19.48 -12.14 -1.77
N LEU C 156 -10.78 4.34 -19.93
CA LEU C 156 -20.20 -11.87 -0.53
CA LEU C 156 -9.75 4.12 -20.95
C LEU C 156 -21.42 -12.75 -0.36
C LEU C 156 -10.20 4.55 -22.34
N ASN C 157 -21.88 -12.90 0.89
N ASN C 157 -9.25 4.94 -23.18
CA ASN C 157 -23.17 -13.52 1.16
CA ASN C 157 -9.55 5.12 -24.60
C ASN C 157 -24.16 -12.44 1.57
C ASN C 157 -9.09 3.87 -25.39
N ASP C 158 -25.45 -12.78 1.65
N ASP C 158 -9.47 3.78 -26.66
CA ASP C 158 -26.49 -11.75 1.82
CA ASP C 158 -9.19 2.57 -27.44
C ASP C 158 -26.46 -11.11 3.22
C ASP C 158 -7.71 2.34 -27.72
N ASP C 159 -25.97 -11.85 4.21
N ASP C 159 -6.92 3.41 -27.79
CA ASP C 159 -25.78 -11.26 5.53
CA ASP C 159 -5.48 3.25 -27.96
C ASP C 159 -24.75 -10.12 5.42
C ASP C 159 -4.95 2.51 -26.74
N GLN C 160 -23.64 -10.42 4.74
N GLN C 160 -5.39 2.95 -25.58
CA GLN C 160 -22.61 -9.42 4.50
CA GLN C 160 -4.99 2.33 -24.31
C GLN C 160 -23.13 -8.27 3.65
C GLN C 160 -5.51 0.90 -24.22
N ARG C 161 -23.92 -8.57 2.62
N ARG C 161 -6.76 0.68 -24.63
CA ARG C 161 -24.44 -7.51 1.75
CA ARG C 161 -7.34 -0.66 -24.60
C ARG C 161 -25.43 -6.61 2.48
C ARG C 161 -6.65 -1.64 -25.53
N ARG C 162 -26.33 -7.21 3.26
N ARG C 162 -6.36 -1.23 -26.76
CA ARG C 162 -27.32 -6.43 4.00
CA ARG C 162 -5.71 -2.13 -27.72
C ARG C 162 -26.64 -5.44 4.92
C ARG C 162 -4.37 -2.58 -27.18
N GLU C 163 -25.61 -5.91 5.62
N GLU C 163 -3.64 -1.63 -26.61
CA GLU C 163 -24.87 -5.08 6.55
CA GLU C 163 -2.31 -1.90 -26.07
C GLU C 163 -24.19 -3.93 5.80
C GLU C 163 -2.42 -2.91 -24.92
N LEU C 164 -23.63 -4.23 4.64
N LEU C 164 -3.40 -2.70 -24.05
CA LEU C 164 -22.97 -3.22 3.84
CA LEU C 164 -3.62 -3.60 -22.93
C LEU C 164 -23.95 -2.20 3.29
C LEU C 164 -4.08 -4.99 -23.37
N VAL C 165 -25.10 -2.65 2.80
N VAL C 165 -4.98 -5.05 -24.36
CA VAL C 165 -26.10 -1.73 2.27
CA VAL C 165 -5.42 -6.34 -24.88
C VAL C 165 -26.51 -0.75 3.38
C VAL C 165 -4.22 -7.14 -25.39
N ALA C 166 -26.76 -1.27 4.57
N ALA C 166 -3.36 -6.48 -26.15
CA ALA C 166 -27.12 -0.44 5.71
CA ALA C 166 -2.16 -7.14 -26.69
C ALA C 166 -26.01 0.57 6.03
C ALA C 166 -1.25 -7.61 -25.55
N LEU C 167 -24.77 0.12 5.91
N LEU C 167 -1.09 -6.78 -24.53
CA LEU C 167 -23.64 0.99 6.25
CA LEU C 167 -0.24 -7.12 -23.41
C LEU C 167 -23.45 2.10 5.21
C LEU C 167 -0.79 -8.31 -22.62
N ARG C 168 -23.39 1.72 3.94
N ARG C 168 -2.04 -8.22 -22.16
CA ARG C 168 -23.08 2.68 2.89
CA ARG C 168 -2.61 -9.25 -21.30
C ARG C 168 -24.25 3.63 2.57
C ARG C 168 -2.88 -10.57 -22.02
N SER C 169 -25.46 3.27 2.98
N SER C 169 -2.97 -10.53 -23.34
CA SER C 169 -26.64 4.08 2.69
CA SER C 169 -3.25 -11.75 -24.12
C SER C 169 -26.61 5.37 3.48
C SER C 169 -2.05 -12.70 -24.11
N ASN C 170 -25.76 5.41 4.50
N ASN C 170 -0.92 -12.22 -23.60
CA ASN C 170 -25.47 6.65 5.21
CA ASN C 170 0.19 -13.09 -23.28
C ASN C 170 -24.45 7.42 4.40
C ASN C 170 -0.05 -13.68 -21.90
N ASN C 171 -24.94 8.25 3.49
N ASN C 171 -0.65 -14.85 -21.86
CA ASN C 171 -24.08 8.98 2.58
CA ASN C 171 -1.12 -15.43 -20.61
C ASN C 171 -24.84 10.10 1.87
C ASN C 171 -1.61 -16.85 -20.79
N ASN C 172 -24.08 10.97 1.20
N ASN C 172 -1.67 -17.58 -19.68
CA ASN C 172 -24.63 12.00 0.34
CA ASN C 172 -2.25 -18.92 -19.66
C ASN C 172 -24.53 11.51 -1.09
C ASN C 172 -3.68 -18.76 -19.17
N GLY C 173 -25.65 11.12 -1.69
N GLY C 173 -4.64 -18.97 -20.08
CA GLY C 173 -25.66 10.56 -3.03
CA GLY C 173 -6.03 -18.74 -19.75
C GLY C 173 -25.04 11.46 -4.08
C GLY C 173 -6.55 -19.60 -18.61
N ALA C 174 -25.28 12.76 -3.96
N ALA C 174 -6.08 -20.85 -18.56
CA ALA C 174 -24.79 13.72 -4.95
CA ALA C 174 -6.54 -21.79 -17.55
C ALA C 174 -23.26 13.82 -4.95
C ALA C 174 -6.13 -21.38 -16.14
N THR C 175 -22.66 13.88 -3.77
N THR C 175 -4.89 -20.92 -16.00
CA THR C 175 -21.22 14.06 -3.67
CA THR C 175 -4.35 -20.59 -14.69
C THR C 175 -20.46 12.76 -3.96
C THR C 175 -4.84 -19.23 -14.18
N LEU C 176 -21.12 11.61 -3.73
N LEU C 176 -5.12 -18.31 -15.10
CA LEU C 176 -20.54 10.35 -4.13
CA LEU C 176 -5.75 -17.05 -14.73
C LEU C 176 -20.45 10.26 -5.66
C LEU C 176 -7.12 -17.33 -14.11
N ALA C 177 -21.48 10.74 -6.35
N ALA C 177 -7.87 -18.22 -14.75
CA ALA C 177 -21.51 10.68 -7.80
CA ALA C 177 -9.21 -18.58 -14.31
C ALA C 177 -20.40 11.53 -8.43
C ALA C 177 -9.21 -19.17 -12.90
N ALA C 178 -20.17 12.70 -7.86
N ALA C 178 -8.24 -20.03 -12.62
CA ALA C 178 -19.15 13.62 -8.37
CA ALA C 178 -8.15 -20.67 -11.32
C ALA C 178 -17.75 13.05 -8.22
C ALA C 178 -7.86 -19.65 -10.22
N MET C 179 -17.47 12.45 -7.08
N MET C 179 -6.92 -18.73 -10.50
CA MET C 179 -16.18 11.83 -6.83
CA MET C 179 -6.56 -17.70 -9.53
C MET C 179 -16.03 10.61 -7.72
C MET C 179 -7.71 -16.72 -9.37
N LEU C 180 -17.12 9.88 -7.89
N LEU C 180 -8.40 -16.44 -10.48
CA LEU C 180 -17.13 8.67 -8.73
CA LEU C 180 -9.54 -15.54 -10.45
C LEU C 180 -16.69 9.05 -10.14
C LEU C 180 -10.59 -16.07 -9.49
N GLU C 181 -17.28 10.13 -10.64
N GLU C 181 -10.86 -17.38 -9.60
CA GLU C 181 -16.95 10.68 -11.94
CA GLU C 181 -11.82 -18.07 -8.77
C GLU C 181 -15.53 11.20 -11.98
C GLU C 181 -11.33 -18.11 -7.33
N ALA C 182 -15.21 12.07 -11.02
N ALA C 182 -10.08 -18.55 -7.17
CA ALA C 182 -13.92 12.77 -10.99
CA ALA C 182 -9.49 -18.78 -5.85
C ALA C 182 -12.71 11.83 -10.96
C ALA C 182 -9.46 -17.52 -4.99
N THR C 183 -12.83 10.70 -10.28
N THR C 183 -9.21 -16.37 -5.59
CA THR C 183 -11.71 9.75 -10.15
CA THR C 183 -9.07 -15.12 -4.84
C THR C 183 -12.01 8.40 -10.78
C THR C 183 -10.17 -14.11 -5.19
N SER C 184 -12.96 8.37 -11.72
N SER C 184 -11.28 -14.62 -5.72
CA SER C 184 -13.30 7.15 -12.44
CA SER C 184 -12.44 -13.77 -6.04
C SER C 184 -12.08 6.45 -13.03
C SER C 184 -12.85 -12.88 -4.88
N LEU C 185 -12.05 5.13 -12.98
N LEU C 185 -13.25 -11.65 -5.18
CA LEU C 185 -10.99 4.35 -13.61
CA LEU C 185 -13.79 -10.75 -4.19
C LEU C 185 -10.87 4.68 -15.10
C LEU C 185 -14.99 -11.43 -3.48
N ALA C 186 -11.91 5.31 -15.66
N ALA C 186 -15.63 -12.38 -4.16
CA ALA C 186 -11.91 5.70 -17.06
CA ALA C 186 -16.75 -13.12 -3.60
C ALA C 186 -10.94 6.85 -17.35
C ALA C 186 -16.38 -13.96 -2.35
N VAL C 187 -10.66 7.68 -16.35
N VAL C 187 -15.11 -14.36 -2.24
CA VAL C 187 -9.77 8.84 -16.55
CA VAL C 187 -14.67 -15.18 -1.10
C VAL C 187 -8.37 8.63 -15.98
C VAL C 187 -13.86 -14.38 -0.07
N GLN C 188 -8.13 7.50 -15.31
N GLN C 188 -13.65 -13.09 -0.31
CA GLN C 188 -6.83 7.26 -14.70
CA GLN C 188 -12.83 -12.28 0.58
C GLN C 188 -5.79 6.79 -15.72
C GLN C 188 -13.61 -11.73 1.78
N PRO C 189 -4.54 7.27 -15.59
N PRO C 189 -13.01 -11.80 2.98
CA PRO C 189 -3.47 6.74 -16.44
CA PRO C 189 -13.63 -11.15 4.14
C PRO C 189 -3.11 5.30 -16.11
C PRO C 189 -13.74 -9.63 4.02
N ASP C 190 -2.47 4.61 -17.06
N ASP C 190 -14.63 -9.03 4.81
CA ASP C 190 -1.84 3.32 -16.81
CA ASP C 190 -14.65 -7.59 5.00
C ASP C 190 -0.55 3.57 -16.03
C ASP C 190 -13.50 -7.21 5.91
N LEU C 191 -0.56 3.20 -14.75
N LEU C 191 -12.48 -6.60 5.34
CA LEU C 191 0.51 3.56 -13.82
CA LEU C 191 -11.27 -6.28 6.07
C LEU C 191 1.61 2.52 -13.69
C LEU C 191 -11.39 -4.92 6.76
N ARG C 192 1.53 1.45 -14.49
N ARG C 192 -12.58 -4.32 6.70
CA ARG C 192 2.52 0.37 -14.44
CA ARG C 192 -12.82 -3.01 7.31
C ARG C 192 3.94 0.89 -14.50
C ARG C 192 -12.56 -2.97 8.80
N ALA C 193 4.18 1.67 -15.56
N ALA C 193 -12.78 -4.05 9.53
CA ALA C 193 5.51 2.15 -15.91
CA ALA C 193 -12.51 -4.01 10.96
C ALA C 193 6.13 2.91 -14.77
C ALA C 193 -11.02 -4.03 11.26
N ASN C 194 5.31 3.75 -14.15
N ASN C 194 -10.31 -4.90 10.55
CA ASN C 194 5.75 4.52 -13.01
CA ASN C 194 -8.88 -5.09 10.77
C ASN C 194 5.99 3.61 -11.82
C ASN C 194 -8.04 -3.86 10.43
N LEU C 195 5.18 2.55 -11.72
N LEU C 195 -8.31 -3.25 9.28
CA LEU C 195 5.33 1.61 -10.62
CA LEU C 195 -7.58 -2.04 8.88
C LEU C 195 6.49 0.63 -10.85
C LEU C 195 -7.81 -0.84 9.83
N SER C 196 6.78 0.30 -12.10
N SER C 196 -9.03 -0.67 10.34
CA SER C 196 7.92 -0.57 -12.40
CA SER C 196 -9.30 0.40 11.30
C SER C 196 9.22 0.18 -12.19
C SER C 196 -8.54 0.12 12.59
N ALA C 197 9.22 1.45 -12.56
N ALA C 197 -8.42 -1.15 12.93
CA ALA C 197 10.39 2.30 -12.39
CA ALA C 197 -7.78 -1.58 14.16
C ALA C 197 10.31 3.07 -11.07
C ALA C 197 -6.34 -1.97 13.86
N ARG C 198 9.40 2.65 -10.21
N ARG C 198 -5.87 -1.61 12.66
CA ARG C 198 9.12 3.37 -8.97
CA ARG C 198 -4.60 -2.10 12.16
C ARG C 198 10.35 3.58 -8.09
C ARG C 198 -3.42 -1.70 13.04
N THR C 199 10.40 4.72 -7.41
N THR C 199 -2.44 -2.60 13.12
CA THR C 199 11.46 5.01 -6.45
CA THR C 199 -1.17 -2.30 13.80
C THR C 199 11.03 4.68 -5.03
C THR C 199 -0.16 -1.70 12.80
N PHE C 200 9.75 4.33 -4.84
N PHE C 200 -0.37 -1.92 11.51
CA PHE C 200 9.20 4.05 -3.52
CA PHE C 200 0.56 -1.50 10.46
C PHE C 200 8.88 2.57 -3.33
C PHE C 200 0.17 -0.18 9.77
N ALA C 201 8.83 2.15 -2.07
N ALA C 201 1.16 0.52 9.22
CA ALA C 201 8.44 0.77 -1.75
CA ALA C 201 0.90 1.71 8.42
C ALA C 201 6.94 0.59 -2.00
C ALA C 201 0.20 1.33 7.12
N PHE C 202 6.59 -0.54 -2.59
N PHE C 202 -0.79 2.14 6.74
CA PHE C 202 5.22 -0.79 -3.03
CA PHE C 202 -1.65 1.82 5.59
C PHE C 202 4.82 -2.23 -2.72
C PHE C 202 -1.95 3.07 4.78
N TYR C 203 3.69 -2.40 -2.04
N TYR C 203 -1.67 3.02 3.48
CA TYR C 203 3.16 -3.72 -1.67
CA TYR C 203 -1.90 4.12 2.55
C TYR C 203 1.69 -3.81 -2.02
C TYR C 203 -2.66 3.63 1.31
N TYR C 204 1.26 -5.01 -2.41
N TYR C 204 -3.47 4.51 0.76
CA TYR C 204 -0.13 -5.26 -2.80
CA TYR C 204 -4.29 4.19 -0.40
C TYR C 204 -0.76 -6.26 -1.85
C TYR C 204 -3.94 5.12 -1.55
N LEU C 205 -2.01 -5.98 -1.47
N LEU C 205 -3.83 4.54 -2.74
CA LEU C 205 -2.83 -6.92 -0.73
CA LEU C 205 -3.69 5.29 -3.98
C LEU C 205 -3.99 -7.33 -1.60
C LEU C 205 -4.92 5.05 -4.83
N CYS C 206 -4.44 -8.58 -1.48
N CYS C 206 -5.37 6.09 -5.50
CA CYS C 206 -5.56 -9.05 -2.27
CA CYS C 206 -6.52 5.96 -6.37
C CYS C 206 -6.28 -10.22 -1.60
C CYS C 206 -6.45 6.95 -7.51
N GLY C 207 -7.60 -10.16 -1.57
N GLY C 207 -6.78 6.49 -8.72
CA GLY C 207 -8.40 -11.27 -1.06
CA GLY C 207 -6.89 7.39 -9.85
C GLY C 207 -8.20 -12.52 -1.90
C GLY C 207 -8.02 8.40 -9.64
N GLU C 208 -8.14 -13.67 -1.23
N GLU C 208 -7.77 9.63 -10.09
CA GLU C 208 -7.93 -14.93 -1.91
CA GLU C 208 -8.77 10.70 -10.00
C GLU C 208 -8.96 -15.12 -3.02
C GLU C 208 -10.10 10.28 -10.62
N ARG C 209 -10.19 -14.73 -2.74
N ARG C 209 -10.01 9.55 -11.72
CA ARG C 209 -11.33 -14.98 -3.64
CA ARG C 209 -11.19 9.19 -12.52
C ARG C 209 -11.47 -13.89 -4.71
C ARG C 209 -11.80 7.87 -12.03
N ASP C 210 -10.59 -12.90 -4.66
N ASP C 210 -11.27 7.33 -10.94
CA ASP C 210 -10.61 -11.78 -5.60
CA ASP C 210 -11.74 6.06 -10.42
C ASP C 210 -9.70 -12.05 -6.79
C ASP C 210 -12.70 6.33 -9.25
N SER C 211 -10.14 -12.93 -7.68
N SER C 211 -13.93 6.65 -9.61
CA SER C 211 -9.34 -13.38 -8.79
CA SER C 211 -14.92 7.08 -8.65
C SER C 211 -8.96 -12.24 -9.73
C SER C 211 -15.23 5.95 -7.69
N LYS C 212 -9.85 -11.26 -9.87
N LYS C 212 -15.25 4.71 -8.20
CA LYS C 212 -9.60 -10.14 -10.79
CA LYS C 212 -15.60 3.56 -7.38
C LYS C 212 -8.32 -9.43 -10.40
C LYS C 212 -14.68 3.45 -6.17
N PHE C 213 -8.23 -9.01 -9.14
N PHE C 213 -13.37 3.49 -6.42
CA PHE C 213 -7.11 -8.18 -8.71
CA PHE C 213 -12.42 3.22 -5.36
C PHE C 213 -5.87 -8.99 -8.33
C PHE C 213 -12.02 4.47 -4.58
N ARG C 214 -6.05 -10.29 -8.09
N ARG C 214 -12.27 5.64 -5.15
CA ARG C 214 -4.91 -11.20 -7.93
CA ARG C 214 -12.11 6.87 -4.38
C ARG C 214 -4.17 -11.26 -9.27
C ARG C 214 -13.14 6.85 -3.25
N ALA C 215 -4.96 -11.33 -10.34
N ALA C 215 -14.34 6.36 -3.58
CA ALA C 215 -4.39 -11.34 -11.68
CA ALA C 215 -15.40 6.25 -2.60
C ALA C 215 -3.66 -10.03 -11.96
C ALA C 215 -15.03 5.26 -1.51
N LEU C 216 -4.30 -8.92 -11.60
N LEU C 216 -14.49 4.11 -1.92
CA LEU C 216 -3.70 -7.61 -11.79
CA LEU C 216 -14.08 3.08 -0.96
C LEU C 216 -2.41 -7.47 -10.98
C LEU C 216 -13.01 3.61 -0.02
N ALA C 217 -2.42 -7.97 -9.75
N ALA C 217 -12.04 4.32 -0.58
CA ALA C 217 -1.24 -7.88 -8.90
CA ALA C 217 -10.92 4.84 0.21
C ALA C 217 -0.05 -8.59 -9.52
C ALA C 217 -11.43 5.79 1.29
N ALA C 218 -0.32 -9.74 -10.13
N ALA C 218 -12.47 6.55 0.98
CA ALA C 218 0.73 -10.56 -10.74
CA ALA C 218 -13.04 7.51 1.92
C ALA C 218 1.42 -9.84 -11.88
C ALA C 218 -13.65 6.81 3.12
N GLU C 219 0.72 -8.91 -12.53
N GLU C 219 -14.12 5.58 2.90
CA GLU C 219 1.26 -8.19 -13.67
CA GLU C 219 -14.74 4.76 3.95
C GLU C 219 2.25 -7.12 -13.26
C GLU C 219 -13.76 4.16 4.95
N LEU C 220 2.22 -6.75 -11.98
N LEU C 220 -12.46 4.27 4.69
CA LEU C 220 3.06 -5.67 -11.50
CA LEU C 220 -11.47 3.56 5.49
C LEU C 220 4.46 -6.20 -11.21
C LEU C 220 -10.94 4.49 6.59
N ALA C 222 5.81 -6.88 -7.81
N ALA C 222 -7.91 6.17 6.36
CA ALA C 222 5.66 -6.36 -6.46
CA ALA C 222 -6.53 6.06 5.91
C ALA C 222 5.21 -7.46 -5.51
C ALA C 222 -6.17 7.20 4.95
N ASP C 223 5.57 -7.32 -4.23
N ASP C 223 -4.88 7.53 4.91
CA ASP C 223 5.14 -8.26 -3.21
CA ASP C 223 -4.35 8.48 3.93
C ASP C 223 3.63 -8.24 -3.07
C ASP C 223 -4.58 8.03 2.49
N CYS C 224 2.99 -9.38 -3.37
N CYS C 224 -5.36 8.80 1.74
CA CYS C 224 1.54 -9.52 -3.19
CA CYS C 224 -5.58 8.53 0.31
C CYS C 224 1.21 -10.48 -2.06
C CYS C 224 -4.90 9.56 -0.59
N HIS C 225 0.53 -9.96 -1.06
N HIS C 225 -4.07 9.08 -1.51
CA HIS C 225 0.07 -10.77 0.08
CA HIS C 225 -3.43 9.93 -2.52
C HIS C 225 -1.37 -11.19 -0.10
C HIS C 225 -4.15 9.79 -3.84
N VAL C 226 -1.57 -12.49 -0.25
N VAL C 226 -4.75 10.88 -4.30
CA VAL C 226 -2.89 -13.04 -0.47
CA VAL C 226 -5.49 10.87 -5.54
C VAL C 226 -3.54 -13.29 0.88
C VAL C 226 -4.55 11.20 -6.67
N ILE C 227 -4.68 -12.64 1.10
N ILE C 227 -4.43 10.28 -7.63
CA ILE C 227 -5.42 -12.72 2.37
CA ILE C 227 -3.51 10.45 -8.75
C ILE C 227 -6.42 -13.87 2.32
C ILE C 227 -4.18 11.19 -9.90
N PRO C 228 -6.23 -14.91 3.17
N PRO C 228 -3.68 12.39 -10.26
CA PRO C 228 -7.12 -16.08 3.15
CA PRO C 228 -4.33 13.17 -11.32
C PRO C 228 -8.60 -15.76 3.40
C PRO C 228 -4.39 12.47 -12.68
N ARG C 229 -9.49 -16.53 2.77
N ARG C 229 -5.47 12.72 -13.42
CA ARG C 229 -10.91 -16.51 3.08
CA ARG C 229 -5.55 12.33 -14.83
C ARG C 229 -11.51 -15.11 2.98
C ARG C 229 -5.31 10.84 -15.00
N ALA C 230 -11.15 -14.40 1.93
N ALA C 230 -5.87 10.04 -14.11
CA ALA C 230 -11.51 -12.99 1.84
CA ALA C 230 -5.65 8.61 -14.15
C ALA C 230 -11.80 -12.60 0.39
C ALA C 230 -6.90 7.82 -13.81
N GLY C 231 -12.77 -11.70 0.21
N GLY C 231 -7.04 6.66 -14.48
CA GLY C 231 -13.13 -11.16 -1.10
CA GLY C 231 -8.10 5.70 -14.18
C GLY C 231 -12.35 -9.89 -1.40
C GLY C 231 -7.73 4.73 -13.08
N HIS C 232 -12.95 -9.00 -2.18
N HIS C 232 -8.33 3.54 -13.15
CA HIS C 232 -12.30 -7.76 -2.60
CA HIS C 232 -8.15 2.52 -12.11
C HIS C 232 -11.89 -6.90 -1.42
C HIS C 232 -6.69 2.13 -11.94
N ASN C 233 -12.85 -6.64 -0.54
N ASN C 233 -6.04 1.81 -13.06
CA ASN C 233 -12.55 -5.95 0.70
CA ASN C 233 -4.61 1.55 -13.07
C ASN C 233 -12.04 -6.96 1.74
C ASN C 233 -3.88 2.88 -13.19
N ALA C 234 -10.75 -7.24 1.66
N ALA C 234 -3.74 3.55 -12.06
CA ALA C 234 -10.18 -8.31 2.46
CA ALA C 234 -3.23 4.92 -12.06
C ALA C 234 -10.01 -7.90 3.91
C ALA C 234 -1.71 4.93 -12.30
N HIS C 235 -9.71 -6.62 4.16
N HIS C 235 -1.00 3.91 -11.81
CA HIS C 235 -9.51 -6.16 5.52
CA HIS C 235 0.45 3.87 -12.01
C HIS C 235 -10.83 -6.19 6.30
C HIS C 235 0.81 3.64 -13.49
N ARG C 236 -11.95 -6.04 5.61
N ARG C 236 -0.05 2.95 -14.22
CA ARG C 236 -13.24 -6.07 6.28
CA ARG C 236 0.20 2.73 -15.65
C ARG C 236 -13.62 -7.50 6.66
C ARG C 236 -0.02 4.02 -16.45
N GLU C 237 -13.33 -8.43 5.76
N GLU C 237 -1.04 4.78 -16.08
CA GLU C 237 -13.71 -9.82 5.96
CA GLU C 237 -1.42 5.97 -16.82
C GLU C 237 -12.71 -10.60 6.82
C GLU C 237 -0.65 7.23 -16.41
N ASN C 238 -11.44 -10.24 6.73
N ASN C 238 -0.28 7.30 -15.13
CA ASN C 238 -10.39 -10.91 7.47
CA ASN C 238 0.47 8.44 -14.59
C ASN C 238 -9.41 -9.87 8.02
C ASN C 238 1.56 7.92 -13.66
N PRO C 239 -9.88 -9.07 8.98
N PRO C 239 2.59 7.27 -14.23
CA PRO C 239 -9.02 -8.04 9.55
CA PRO C 239 3.65 6.75 -13.38
C PRO C 239 -7.77 -8.61 10.21
C PRO C 239 4.39 7.83 -12.62
N ALA C 240 -7.87 -9.73 10.90
N ALA C 240 4.60 9.00 -13.21
CA ALA C 240 -6.70 -10.29 11.55
CA ALA C 240 5.33 10.04 -12.49
C ALA C 240 -5.65 -10.66 10.51
C ALA C 240 4.52 10.50 -11.28
N GLY C 241 -6.11 -11.18 9.37
N GLY C 241 3.19 10.54 -11.44
CA GLY C 241 -5.20 -11.57 8.32
CA GLY C 241 2.33 10.95 -10.34
C GLY C 241 -4.47 -10.41 7.69
C GLY C 241 2.36 9.98 -9.18
N VAL C 242 -5.21 -9.34 7.44
N VAL C 242 2.35 8.69 -9.50
CA VAL C 242 -4.61 -8.13 6.92
CA VAL C 242 2.41 7.66 -8.50
C VAL C 242 -3.65 -7.49 7.95
C VAL C 242 3.80 7.64 -7.85
N ILE C 243 -3.99 -7.54 9.24
N ILE C 243 4.86 7.87 -8.62
CA ILE C 243 -3.11 -7.01 10.28
CA ILE C 243 6.20 7.93 -8.06
C ILE C 243 -1.78 -7.76 10.25
C ILE C 243 6.27 9.04 -7.01
N ALA C 244 -1.84 -9.07 10.16
N ALA C 244 5.70 10.19 -7.33
CA ALA C 244 -0.63 -9.88 10.04
CA ALA C 244 5.67 11.31 -6.40
C ALA C 244 0.21 -9.52 8.80
C ALA C 244 4.91 10.97 -5.11
N SER C 245 -0.41 -9.39 7.64
N SER C 245 3.74 10.35 -5.24
CA SER C 245 0.33 -9.02 6.43
CA SER C 245 2.96 9.98 -4.04
C SER C 245 0.99 -7.66 6.60
C SER C 245 3.73 8.97 -3.21
N LEU C 246 0.23 -6.72 7.14
N LEU C 246 4.31 7.97 -3.88
CA LEU C 246 0.76 -5.38 7.38
CA LEU C 246 5.12 6.97 -3.17
C LEU C 246 1.92 -5.41 8.39
C LEU C 246 6.31 7.63 -2.48
N ALA C 247 1.81 -6.23 9.43
N ALA C 247 6.97 8.60 -3.13
CA ALA C 247 2.92 -6.29 10.40
CA ALA C 247 8.11 9.25 -2.50
C ALA C 247 4.23 -6.80 9.77
C ALA C 247 7.70 9.99 -1.22
N GLN C 248 4.09 -7.73 8.82
N GLN C 248 6.52 10.61 -1.25
CA GLN C 248 5.21 -8.28 8.07
CA GLN C 248 5.98 11.29 -0.09
C GLN C 248 5.88 -7.24 7.18
C GLN C 248 5.70 10.31 1.04
N ILE C 249 5.06 -6.43 6.54
N ILE C 249 5.14 9.16 0.72
CA ILE C 249 5.53 -5.36 5.69
CA ILE C 249 4.85 8.15 1.72
C ILE C 249 6.16 -4.23 6.52
C ILE C 249 6.14 7.54 2.28
N LEU C 250 5.49 -3.81 7.59
N LEU C 250 7.04 7.14 1.39
CA LEU C 250 5.87 -2.59 8.32
CA LEU C 250 8.18 6.31 1.78
C LEU C 250 7.00 -2.80 9.32
C LEU C 250 9.34 7.09 2.38
N ARG C 251 7.00 -3.93 9.99
N ARG C 251 9.56 8.31 1.92
CA ARG C 251 7.89 -4.12 11.14
CA ARG C 251 10.77 9.04 2.30
C ARG C 251 9.19 -4.78 10.77
C ARG C 251 10.50 10.02 3.44
N PHE C 252 9.33 -5.22 9.52
N PHE C 252 9.27 10.07 3.93
CA PHE C 252 10.58 -5.75 9.02
CA PHE C 252 8.94 10.88 5.11
C PHE C 252 11.17 -4.80 7.97
C PHE C 252 8.47 9.97 6.24
#